data_9VJ5
#
_entry.id   9VJ5
#
_cell.length_a   1.00
_cell.length_b   1.00
_cell.length_c   1.00
_cell.angle_alpha   90.00
_cell.angle_beta   90.00
_cell.angle_gamma   90.00
#
_symmetry.space_group_name_H-M   'P 1'
#
loop_
_entity.id
_entity.type
_entity.pdbx_description
1 polymer 'Guanine nucleotide-binding protein G(o) subunit alpha'
2 polymer 'Guanine nucleotide-binding protein G(I)/G(S)/G(T) subunit beta-1'
3 polymer 'Guanine nucleotide-binding protein G(I)/G(S)/G(O) subunit gamma-2'
4 polymer scFv16
5 polymer 'Soluble cytochrome b562,5-hydroxytryptamine receptor 1A'
6 non-polymer Gepirone
7 non-polymer CHOLESTEROL
8 non-polymer '(2R)-1-(heptadecanoyloxy)-3-{[(R)-hydroxy{[(1R,2R,3R,4R,5S,6R)-2,3,5,6-tetrahydroxy-4-(phosphonooxy)cyclohexyl]oxy}phosphoryl]oxy}propan-2-yl (5Z,8Z,11Z,14Z)-icosa-5,8,11,14-tetraenoate'
#
loop_
_entity_poly.entity_id
_entity_poly.type
_entity_poly.pdbx_seq_one_letter_code
_entity_poly.pdbx_strand_id
1 'polypeptide(L)'
;MGSTLSAEERAALERSKAIEKNLKEDGISAAKDVKLLLLGAGESGKNTIVKQMKIIHEDGFSGEDVKQYKPVVYSNTIQS
LAAIVRAMDTLGIEYGDKERKADAKMVCDVVSRMEDTEPFSAELLSAMMRLWGDSGIQECFNRSREYQLNDSAKYYLDSL
DRIGAADYQPTEQDILRTRVKTTGIVETHFTFKNLHFRLFDVGAQRSERKKWIHCFEDVTAIIFCVALSGYDQVLHEDET
TNRMHASLKLFDSICNNKFFIDTSIILFLNKKDLFGEKIKKSPLTICFPEYTGPNTYEDAAAYIQAQFESKNRSPNKEIY
CHMTCSTDTNNIQVVFDAVTDIIIANNLRGCGLY
;
B
2 'polypeptide(L)'
;MHHHHHHLEVLFQGPGSSGSELDQLRQEAEQLKNQIRDARKACADATLSQITNNIDPVGRIQMRTRRTLRGHLAKIYAMH
WGTDSRLLVSASQDGKLIIWDSYTTNKVHAIPLRSSWVMTCAYAPSGNYVACGGLDNICSIYNLKTREGNVRVSRELAGH
TGYLSCCRFLDDNQIVTSSGDTTCALWDIETGQQTTTFTGHTGDVMSLSLAPDTRLFVSGACDASAKLWDVREGMCRQTF
TGHESDINAICFFPNGNAFATGSDDATCRLFDLRADQELMTYSHDNIICGITSVSFSKSGRLLLAGYDDFNCNVWDALKA
DRAGVLAGHDNRVSCLGVTDDGMAVATGSWDSFLKIWN
;
C
3 'polypeptide(L)' MASNNTASIAQARKLVEQLKMEANIDRIKVSKAAADLMAYCEAHAKEDPLLTPVPASENPFREKKFFCAIL D
4 'polypeptide(L)'
;DVQLVESGGGLVQPGGSRKLSCSASGFAFSSFGMHWVRQAPEKGLEWVAYISSGSGTIYYADTVKGRFTISRDDPKNTLF
LQMTSLRSEDTAMYYCVRSIYYYGSSPFDFWGQGTTLTVSSGGGGSGGGGSGGGGSDIVMTQATSSVPVTPGESVSISCR
SSKSLLHSNGNTYLYWFLQRPGQSPQLLIYRMSNLASGVPDRFSGSGSGTAFTLTISRLEAEDVGVYYCMQHLEYPLTFG
AGTKLELKAAA
;
E
5 'polypeptide(L)'
;DYKDDDDAKLQTMHHHHHHHHHHENLYFQGGTTMADLEDNWETLNDNLKVIEKADNAAQVKDALTKMRAAALDAQKATPP
KLEDKSPDSPEMKDFRHGFDILVGQIDDALKLANEGKVKEAQAAAEQLKTTRNAYIQKYLGSTLEVLFQGPTTGISDVTV
SYQVITSLLLGTLIFCAVLGNACVVAAIALERSLQNVANYLIGSLAVTDLMVSVLVLPMAALYQVLNKWTLGQVTCDLFI
ALDVLCCTSSIWHLCAIALDRYWAITDPIDYVNKRTPRRAAALISLTWLIGFLISIPPMLGWRTPEDRSDPDACTISKDH
GYTIYSTFGAFYIPLLLMLVLYGRIFRAARFRIRKTVKKVEKTGADTRHGASPAPQPKKSVNGESGSRNWRLGVESKAGG
ALCANGAVRQGDDGAALEVIEVHRVGNSKEHLPLPSEAGPTPCAPASFERKNERNAEAKRKMALARERKTVKTLGIIMGT
FILCWLPFFIVALVLPFCESSCHMPTLLGAIINWLGYSNSLLNPVIYAYFNKDFQNAFKKIIKCKFCRQ
;
R
#
loop_
_chem_comp.id
_chem_comp.type
_chem_comp.name
_chem_comp.formula
A1ESA non-polymer Gepirone 'C19 H29 N5 O2'
CLR non-polymer CHOLESTEROL 'C27 H46 O'
T7M non-polymer '(2R)-1-(heptadecanoyloxy)-3-{[(R)-hydroxy{[(1R,2R,3R,4R,5S,6R)-2,3,5,6-tetrahydroxy-4-(phosphonooxy)cyclohexyl]oxy}phosphoryl]oxy}propan-2-yl (5Z,8Z,11Z,14Z)-icosa-5,8,11,14-tetraenoate' 'C46 H82 O16 P2'
#
# COMPACT_ATOMS: atom_id res chain seq x y z
N LEU A 5 -13.50 3.79 23.31
CA LEU A 5 -12.84 4.93 22.69
C LEU A 5 -13.25 6.25 23.33
N SER A 6 -12.28 7.15 23.43
CA SER A 6 -12.54 8.50 23.90
C SER A 6 -13.14 9.34 22.77
N ALA A 7 -13.63 10.52 23.12
CA ALA A 7 -14.18 11.43 22.11
C ALA A 7 -13.10 11.83 21.11
N GLU A 8 -11.91 12.15 21.60
CA GLU A 8 -10.81 12.49 20.71
C GLU A 8 -10.33 11.27 19.94
N GLU A 9 -10.35 10.10 20.57
CA GLU A 9 -10.07 8.87 19.83
C GLU A 9 -11.13 8.61 18.77
N ARG A 10 -12.38 8.92 19.07
CA ARG A 10 -13.44 8.76 18.08
C ARG A 10 -13.20 9.67 16.88
N ALA A 11 -12.82 10.92 17.13
CA ALA A 11 -12.55 11.84 16.03
C ALA A 11 -11.28 11.48 15.28
N ALA A 12 -10.29 10.92 15.97
CA ALA A 12 -9.09 10.44 15.29
C ALA A 12 -9.40 9.25 14.40
N LEU A 13 -10.25 8.34 14.87
CA LEU A 13 -10.68 7.22 14.06
C LEU A 13 -11.48 7.68 12.86
N GLU A 14 -12.32 8.70 13.04
CA GLU A 14 -13.07 9.25 11.93
C GLU A 14 -12.16 9.90 10.90
N ARG A 15 -11.15 10.63 11.36
CA ARG A 15 -10.16 11.20 10.44
C ARG A 15 -9.41 10.11 9.70
N SER A 16 -9.05 9.04 10.39
CA SER A 16 -8.38 7.92 9.76
C SER A 16 -9.28 7.29 8.69
N LYS A 17 -10.58 7.14 8.99
CA LYS A 17 -11.51 6.58 8.01
C LYS A 17 -11.62 7.47 6.80
N ALA A 18 -11.66 8.79 6.99
CA ALA A 18 -11.67 9.71 5.85
C ALA A 18 -10.38 9.57 5.03
N ILE A 19 -9.26 9.38 5.70
CA ILE A 19 -7.99 9.17 5.00
C ILE A 19 -8.03 7.89 4.18
N GLU A 20 -8.56 6.81 4.74
CA GLU A 20 -8.69 5.57 3.98
C GLU A 20 -9.64 5.75 2.80
N LYS A 21 -10.71 6.51 2.97
CA LYS A 21 -11.61 6.80 1.86
C LYS A 21 -10.88 7.50 0.74
N ASN A 22 -10.08 8.51 1.08
CA ASN A 22 -9.32 9.23 0.06
C ASN A 22 -8.28 8.33 -0.60
N LEU A 23 -7.62 7.47 0.18
CA LEU A 23 -6.66 6.54 -0.39
C LEU A 23 -7.33 5.57 -1.35
N LYS A 24 -8.52 5.08 -0.99
CA LYS A 24 -9.26 4.20 -1.88
C LYS A 24 -9.65 4.91 -3.17
N GLU A 25 -10.13 6.14 -3.06
CA GLU A 25 -10.49 6.91 -4.24
C GLU A 25 -9.29 7.11 -5.15
N ASP A 26 -8.15 7.47 -4.56
CA ASP A 26 -6.94 7.71 -5.34
C ASP A 26 -6.43 6.43 -6.00
N GLY A 27 -6.48 5.31 -5.28
CA GLY A 27 -6.05 4.05 -5.86
C GLY A 27 -6.97 3.58 -6.97
N ILE A 28 -8.27 3.85 -6.85
CA ILE A 28 -9.20 3.54 -7.91
C ILE A 28 -8.88 4.37 -9.15
N SER A 29 -8.64 5.67 -8.96
CA SER A 29 -8.30 6.51 -10.10
C SER A 29 -6.94 6.18 -10.68
N ALA A 30 -6.04 5.59 -9.88
CA ALA A 30 -4.70 5.24 -10.34
C ALA A 30 -4.65 3.89 -11.04
N ALA A 31 -5.54 2.96 -10.67
CA ALA A 31 -5.56 1.66 -11.34
C ALA A 31 -6.08 1.73 -12.77
N LYS A 32 -6.63 2.87 -13.17
CA LYS A 32 -7.13 3.06 -14.52
C LYS A 32 -6.09 3.66 -15.45
N ASP A 33 -4.86 3.82 -14.98
CA ASP A 33 -3.78 4.39 -15.77
C ASP A 33 -2.95 3.28 -16.38
N VAL A 34 -2.61 3.43 -17.66
CA VAL A 34 -1.73 2.50 -18.34
C VAL A 34 -0.31 2.98 -18.14
N LYS A 35 0.47 2.22 -17.38
CA LYS A 35 1.82 2.61 -17.00
C LYS A 35 2.80 2.08 -18.05
N LEU A 36 3.51 3.00 -18.71
CA LEU A 36 4.47 2.65 -19.74
C LEU A 36 5.85 3.06 -19.27
N LEU A 37 6.80 2.14 -19.36
CA LEU A 37 8.19 2.44 -19.04
C LEU A 37 8.92 2.74 -20.34
N LEU A 38 9.22 4.02 -20.56
CA LEU A 38 10.01 4.41 -21.72
C LEU A 38 11.47 4.12 -21.41
N LEU A 39 12.08 3.28 -22.23
CA LEU A 39 13.42 2.82 -21.95
C LEU A 39 14.20 2.77 -23.26
N GLY A 40 15.51 2.98 -23.16
CA GLY A 40 16.32 3.12 -24.35
C GLY A 40 17.72 3.56 -23.98
N ALA A 41 18.47 3.97 -25.00
CA ALA A 41 19.89 4.29 -24.86
C ALA A 41 20.19 5.66 -25.46
N GLY A 42 20.05 6.71 -24.66
CA GLY A 42 20.60 8.00 -25.00
C GLY A 42 20.08 8.63 -26.28
N GLU A 43 20.95 8.63 -27.30
CA GLU A 43 20.64 9.29 -28.58
C GLU A 43 19.50 8.62 -29.34
N SER A 44 19.06 7.43 -28.92
CA SER A 44 17.89 6.82 -29.52
C SER A 44 16.69 7.75 -29.42
N GLY A 45 15.66 7.45 -30.20
CA GLY A 45 14.56 8.38 -30.36
C GLY A 45 13.58 8.47 -29.21
N LYS A 46 14.05 8.26 -27.97
CA LYS A 46 13.18 8.39 -26.81
C LYS A 46 12.55 9.78 -26.76
N ASN A 47 13.37 10.81 -26.92
CA ASN A 47 12.88 12.18 -26.84
C ASN A 47 11.90 12.48 -27.98
N THR A 48 12.15 11.91 -29.16
CA THR A 48 11.24 12.16 -30.28
C THR A 48 9.85 11.58 -30.00
N ILE A 49 9.79 10.34 -29.51
CA ILE A 49 8.45 9.79 -29.28
C ILE A 49 7.81 10.42 -28.06
N VAL A 50 8.60 10.90 -27.10
CA VAL A 50 8.02 11.66 -26.00
C VAL A 50 7.38 12.95 -26.51
N LYS A 51 8.10 13.66 -27.39
CA LYS A 51 7.55 14.87 -27.99
C LYS A 51 6.32 14.56 -28.83
N GLN A 52 6.25 13.36 -29.40
CA GLN A 52 5.05 12.95 -30.12
C GLN A 52 3.90 12.68 -29.16
N MET A 53 4.16 11.96 -28.07
CA MET A 53 3.13 11.68 -27.08
C MET A 53 2.55 12.98 -26.53
N LYS A 54 3.41 13.94 -26.23
CA LYS A 54 2.96 15.24 -25.73
C LYS A 54 2.21 16.04 -26.78
N THR A 183 15.73 16.53 -13.23
CA THR A 183 15.38 15.56 -12.19
C THR A 183 15.91 14.16 -12.52
N GLY A 184 15.26 13.15 -11.98
CA GLY A 184 15.73 11.79 -12.19
C GLY A 184 14.78 10.91 -12.97
N ILE A 185 13.49 11.15 -12.83
CA ILE A 185 12.47 10.46 -13.61
C ILE A 185 11.54 11.50 -14.20
N VAL A 186 11.25 11.37 -15.49
CA VAL A 186 10.32 12.25 -16.19
C VAL A 186 9.07 11.43 -16.51
N GLU A 187 7.92 11.95 -16.11
CA GLU A 187 6.66 11.26 -16.29
C GLU A 187 5.78 12.07 -17.23
N THR A 188 5.32 11.41 -18.30
CA THR A 188 4.50 12.05 -19.31
C THR A 188 3.09 11.50 -19.23
N HIS A 189 2.12 12.38 -19.04
CA HIS A 189 0.72 12.00 -18.97
C HIS A 189 0.04 12.38 -20.28
N PHE A 190 -0.57 11.40 -20.93
CA PHE A 190 -1.36 11.66 -22.12
C PHE A 190 -2.51 10.68 -22.18
N THR A 191 -3.68 11.18 -22.56
CA THR A 191 -4.86 10.36 -22.75
C THR A 191 -5.11 10.22 -24.26
N PHE A 192 -5.22 8.98 -24.73
CA PHE A 192 -5.49 8.72 -26.13
C PHE A 192 -6.64 7.74 -26.24
N LYS A 193 -7.75 8.19 -26.82
CA LYS A 193 -8.93 7.37 -27.04
C LYS A 193 -9.41 6.74 -25.73
N ASN A 194 -9.76 7.60 -24.79
CA ASN A 194 -10.36 7.24 -23.51
C ASN A 194 -9.44 6.44 -22.61
N LEU A 195 -8.17 6.28 -22.99
CA LEU A 195 -7.23 5.46 -22.24
C LEU A 195 -6.10 6.36 -21.75
N HIS A 196 -5.81 6.30 -20.45
CA HIS A 196 -4.82 7.19 -19.84
C HIS A 196 -3.48 6.48 -19.73
N PHE A 197 -2.43 7.13 -20.21
CA PHE A 197 -1.08 6.58 -20.23
C PHE A 197 -0.18 7.37 -19.30
N ARG A 198 0.59 6.66 -18.49
CA ARG A 198 1.66 7.24 -17.68
C ARG A 198 2.97 6.72 -18.26
N LEU A 199 3.67 7.56 -19.01
CA LEU A 199 4.91 7.18 -19.65
C LEU A 199 6.07 7.64 -18.77
N PHE A 200 6.88 6.69 -18.32
CA PHE A 200 7.94 6.95 -17.35
C PHE A 200 9.28 6.97 -18.08
N ASP A 201 9.79 8.16 -18.34
CA ASP A 201 11.11 8.32 -18.93
C ASP A 201 12.13 8.33 -17.80
N VAL A 202 12.91 7.26 -17.70
CA VAL A 202 13.89 7.09 -16.64
C VAL A 202 15.31 7.24 -17.18
N GLY A 203 15.46 7.92 -18.32
CA GLY A 203 16.76 8.04 -18.96
C GLY A 203 17.75 8.88 -18.18
N ALA A 204 17.27 9.71 -17.26
CA ALA A 204 18.17 10.52 -16.43
C ALA A 204 18.77 9.74 -15.27
N GLN A 205 18.37 8.48 -15.09
CA GLN A 205 18.95 7.63 -14.05
C GLN A 205 20.14 6.87 -14.63
N ARG A 206 21.29 7.55 -14.62
CA ARG A 206 22.53 6.90 -15.06
C ARG A 206 23.12 6.07 -13.94
N SER A 207 22.31 5.18 -13.36
CA SER A 207 22.72 4.32 -12.26
C SER A 207 22.42 2.88 -12.62
N GLU A 208 22.53 1.97 -11.65
CA GLU A 208 22.21 0.57 -11.92
C GLU A 208 20.70 0.42 -12.02
N ARG A 209 20.22 -0.02 -13.19
CA ARG A 209 18.79 -0.16 -13.39
C ARG A 209 18.19 -1.15 -12.42
N LYS A 210 18.89 -2.27 -12.17
CA LYS A 210 18.33 -3.33 -11.36
C LYS A 210 18.02 -2.88 -9.93
N LYS A 211 18.59 -1.76 -9.49
CA LYS A 211 18.27 -1.22 -8.19
C LYS A 211 16.98 -0.41 -8.18
N TRP A 212 16.44 -0.08 -9.35
CA TRP A 212 15.15 0.57 -9.44
C TRP A 212 14.29 0.03 -10.57
N ILE A 213 14.75 -0.98 -11.30
CA ILE A 213 13.95 -1.54 -12.39
C ILE A 213 12.73 -2.26 -11.85
N HIS A 214 12.74 -2.65 -10.58
CA HIS A 214 11.59 -3.31 -9.98
C HIS A 214 10.47 -2.35 -9.64
N CYS A 215 10.75 -1.04 -9.62
CA CYS A 215 9.71 -0.06 -9.41
C CYS A 215 8.70 -0.04 -10.54
N PHE A 216 9.10 -0.52 -11.72
CA PHE A 216 8.25 -0.57 -12.90
C PHE A 216 7.84 -2.00 -13.22
N GLU A 217 7.82 -2.86 -12.21
CA GLU A 217 7.47 -4.27 -12.41
C GLU A 217 6.07 -4.43 -12.96
N ASP A 218 5.18 -3.47 -12.67
CA ASP A 218 3.77 -3.59 -12.99
C ASP A 218 3.35 -2.71 -14.17
N VAL A 219 4.28 -2.37 -15.06
CA VAL A 219 3.93 -1.59 -16.23
C VAL A 219 3.21 -2.49 -17.24
N THR A 220 2.30 -1.89 -18.00
CA THR A 220 1.64 -2.62 -19.07
C THR A 220 2.63 -3.04 -20.15
N ALA A 221 3.44 -2.09 -20.61
CA ALA A 221 4.43 -2.36 -21.64
C ALA A 221 5.67 -1.52 -21.38
N ILE A 222 6.80 -2.02 -21.86
CA ILE A 222 8.04 -1.25 -21.93
C ILE A 222 8.13 -0.71 -23.34
N ILE A 223 8.24 0.61 -23.49
CA ILE A 223 8.49 1.22 -24.78
C ILE A 223 10.00 1.33 -24.95
N PHE A 224 10.56 0.49 -25.81
CA PHE A 224 12.00 0.46 -26.03
C PHE A 224 12.32 1.18 -27.33
N CYS A 225 13.23 2.15 -27.26
CA CYS A 225 13.62 2.94 -28.41
C CYS A 225 14.97 2.46 -28.92
N VAL A 226 15.07 2.32 -30.23
CA VAL A 226 16.32 1.98 -30.90
C VAL A 226 16.51 2.94 -32.05
N ALA A 227 17.71 3.49 -32.16
CA ALA A 227 18.08 4.26 -33.33
C ALA A 227 18.50 3.27 -34.42
N LEU A 228 17.70 3.19 -35.49
CA LEU A 228 18.05 2.34 -36.60
C LEU A 228 19.38 2.77 -37.21
N SER A 229 19.63 4.08 -37.26
CA SER A 229 20.90 4.60 -37.73
C SER A 229 21.92 4.58 -36.61
N GLY A 230 22.09 3.44 -35.97
CA GLY A 230 23.07 3.28 -34.90
C GLY A 230 23.93 2.07 -35.13
N TYR A 231 23.75 1.43 -36.27
CA TYR A 231 24.62 0.32 -36.65
C TYR A 231 25.98 0.84 -37.11
N ASP A 232 26.02 2.02 -37.71
CA ASP A 232 27.24 2.62 -38.22
C ASP A 232 27.89 3.57 -37.22
N GLN A 233 27.35 3.68 -36.01
CA GLN A 233 27.89 4.59 -35.00
C GLN A 233 28.43 3.80 -33.83
N VAL A 234 29.30 4.44 -33.05
CA VAL A 234 29.98 3.81 -31.93
C VAL A 234 29.83 4.68 -30.70
N LEU A 235 29.43 4.08 -29.59
CA LEU A 235 29.36 4.74 -28.29
C LEU A 235 29.04 3.73 -27.19
N ASN A 242 29.80 0.17 -30.26
CA ASN A 242 28.71 0.15 -31.23
C ASN A 242 27.39 0.56 -30.58
N ARG A 243 26.73 1.56 -31.16
CA ARG A 243 25.45 2.01 -30.62
C ARG A 243 24.40 0.91 -30.70
N MET A 244 24.33 0.23 -31.84
CA MET A 244 23.28 -0.78 -32.02
C MET A 244 23.58 -2.03 -31.22
N HIS A 245 24.86 -2.39 -31.06
CA HIS A 245 25.18 -3.52 -30.19
C HIS A 245 24.82 -3.21 -28.74
N ALA A 246 25.06 -1.97 -28.31
CA ALA A 246 24.62 -1.55 -26.99
C ALA A 246 23.10 -1.64 -26.87
N SER A 247 22.39 -1.25 -27.93
CA SER A 247 20.93 -1.34 -27.92
C SER A 247 20.47 -2.79 -27.80
N LEU A 248 21.11 -3.70 -28.53
CA LEU A 248 20.78 -5.12 -28.39
C LEU A 248 21.07 -5.64 -26.98
N LYS A 249 22.20 -5.24 -26.41
CA LYS A 249 22.53 -5.73 -25.07
C LYS A 249 21.52 -5.22 -24.05
N LEU A 250 21.15 -3.94 -24.14
CA LEU A 250 20.14 -3.39 -23.25
C LEU A 250 18.80 -4.08 -23.44
N PHE A 251 18.42 -4.31 -24.70
CA PHE A 251 17.14 -4.96 -24.99
C PHE A 251 17.11 -6.37 -24.43
N ASP A 252 18.21 -7.12 -24.56
CA ASP A 252 18.27 -8.46 -24.00
C ASP A 252 18.18 -8.43 -22.48
N SER A 253 18.95 -7.53 -21.85
CA SER A 253 18.93 -7.45 -20.39
C SER A 253 17.57 -7.02 -19.86
N ILE A 254 16.79 -6.30 -20.67
CA ILE A 254 15.46 -5.87 -20.25
C ILE A 254 14.42 -6.96 -20.52
N CYS A 255 14.48 -7.62 -21.68
CA CYS A 255 13.55 -8.71 -21.97
C CYS A 255 13.69 -9.83 -20.97
N ASN A 256 14.93 -10.22 -20.65
CA ASN A 256 15.17 -11.34 -19.76
C ASN A 256 15.34 -10.90 -18.31
N ASN A 257 14.99 -9.66 -17.98
CA ASN A 257 14.91 -9.25 -16.60
C ASN A 257 13.79 -10.03 -15.91
N LYS A 258 14.06 -10.46 -14.67
CA LYS A 258 13.09 -11.29 -13.96
C LYS A 258 11.80 -10.53 -13.70
N PHE A 259 11.90 -9.23 -13.42
CA PHE A 259 10.71 -8.43 -13.14
C PHE A 259 9.87 -8.17 -14.38
N PHE A 260 10.37 -8.49 -15.57
CA PHE A 260 9.70 -8.23 -16.83
C PHE A 260 9.50 -9.51 -17.63
N ILE A 261 9.26 -10.61 -16.93
CA ILE A 261 9.07 -11.89 -17.60
C ILE A 261 7.82 -11.86 -18.47
N ASP A 262 6.73 -11.29 -17.96
CA ASP A 262 5.47 -11.25 -18.67
C ASP A 262 5.12 -9.85 -19.17
N THR A 263 6.12 -8.98 -19.32
CA THR A 263 5.89 -7.61 -19.75
C THR A 263 6.22 -7.49 -21.24
N SER A 264 5.22 -7.13 -22.03
CA SER A 264 5.41 -6.94 -23.46
C SER A 264 6.14 -5.63 -23.73
N ILE A 265 6.70 -5.53 -24.93
CA ILE A 265 7.57 -4.42 -25.28
C ILE A 265 7.09 -3.80 -26.59
N ILE A 266 6.90 -2.48 -26.57
CA ILE A 266 6.57 -1.72 -27.78
C ILE A 266 7.89 -1.22 -28.34
N LEU A 267 8.50 -2.02 -29.21
CA LEU A 267 9.78 -1.65 -29.78
C LEU A 267 9.60 -0.58 -30.84
N PHE A 268 10.41 0.47 -30.76
CA PHE A 268 10.42 1.53 -31.75
C PHE A 268 11.77 1.55 -32.43
N LEU A 269 11.76 1.36 -33.75
CA LEU A 269 12.97 1.42 -34.57
C LEU A 269 12.99 2.83 -35.15
N ASN A 270 13.69 3.73 -34.47
CA ASN A 270 13.61 5.15 -34.78
C ASN A 270 14.61 5.55 -35.86
N LYS A 271 14.38 6.74 -36.41
CA LYS A 271 15.26 7.34 -37.43
C LYS A 271 15.36 6.45 -38.67
N LYS A 272 14.20 5.95 -39.13
CA LYS A 272 14.21 5.06 -40.29
C LYS A 272 14.58 5.81 -41.56
N ASP A 273 14.33 7.12 -41.61
CA ASP A 273 14.81 7.90 -42.75
C ASP A 273 16.32 8.01 -42.74
N LEU A 274 16.90 8.27 -41.57
CA LEU A 274 18.37 8.31 -41.47
C LEU A 274 18.96 6.94 -41.75
N PHE A 275 18.30 5.87 -41.28
CA PHE A 275 18.77 4.53 -41.58
C PHE A 275 18.72 4.25 -43.08
N GLY A 276 17.66 4.69 -43.75
CA GLY A 276 17.58 4.52 -45.19
C GLY A 276 18.66 5.30 -45.92
N GLU A 277 18.94 6.51 -45.46
CA GLU A 277 20.02 7.30 -46.04
C GLU A 277 21.38 6.62 -45.86
N LYS A 278 21.62 6.07 -44.67
CA LYS A 278 22.92 5.47 -44.37
C LYS A 278 23.06 4.05 -44.90
N ILE A 279 21.96 3.40 -45.27
CA ILE A 279 22.04 1.99 -45.66
C ILE A 279 22.44 1.81 -47.11
N LYS A 280 22.16 2.80 -47.97
CA LYS A 280 22.61 2.74 -49.35
C LYS A 280 24.11 3.01 -49.49
N LYS A 281 24.73 3.58 -48.46
CA LYS A 281 26.16 3.83 -48.44
C LYS A 281 26.89 2.95 -47.45
N SER A 282 26.47 2.96 -46.18
CA SER A 282 27.08 2.09 -45.18
C SER A 282 26.31 0.78 -45.12
N PRO A 283 26.95 -0.36 -45.38
CA PRO A 283 26.24 -1.64 -45.32
C PRO A 283 25.98 -2.06 -43.87
N LEU A 284 25.04 -2.99 -43.73
CA LEU A 284 24.76 -3.54 -42.40
C LEU A 284 25.77 -4.64 -42.08
N THR A 285 27.05 -4.31 -42.22
CA THR A 285 28.13 -5.20 -41.85
C THR A 285 29.06 -4.61 -40.79
N ILE A 286 29.01 -3.30 -40.58
CA ILE A 286 29.77 -2.70 -39.47
C ILE A 286 29.26 -3.23 -38.14
N CYS A 287 27.94 -3.36 -38.01
CA CYS A 287 27.34 -3.88 -36.78
C CYS A 287 27.25 -5.40 -36.81
N PHE A 288 26.60 -5.96 -37.83
CA PHE A 288 26.40 -7.40 -37.90
C PHE A 288 27.34 -8.02 -38.92
N PRO A 289 28.35 -8.78 -38.49
CA PRO A 289 29.26 -9.41 -39.46
C PRO A 289 28.66 -10.67 -40.07
N GLU A 290 27.78 -11.34 -39.33
CA GLU A 290 27.14 -12.57 -39.78
C GLU A 290 25.80 -12.31 -40.46
N TYR A 291 25.64 -11.15 -41.09
CA TYR A 291 24.40 -10.84 -41.79
C TYR A 291 24.18 -11.78 -42.97
N THR A 292 25.12 -11.78 -43.92
CA THR A 292 25.05 -12.63 -45.11
C THR A 292 23.72 -12.45 -45.84
N GLY A 293 23.28 -11.21 -45.97
CA GLY A 293 22.04 -10.88 -46.64
C GLY A 293 22.21 -9.72 -47.59
N PRO A 294 21.10 -9.25 -48.16
CA PRO A 294 21.18 -8.10 -49.09
C PRO A 294 21.55 -6.81 -48.38
N ASN A 295 21.62 -5.71 -49.11
CA ASN A 295 22.00 -4.42 -48.53
C ASN A 295 20.95 -3.36 -48.79
N THR A 296 19.69 -3.75 -48.85
CA THR A 296 18.62 -2.79 -49.05
C THR A 296 18.02 -2.36 -47.71
N TYR A 297 17.35 -1.20 -47.75
CA TYR A 297 16.75 -0.64 -46.54
C TYR A 297 15.77 -1.61 -45.89
N GLU A 298 14.83 -2.13 -46.67
CA GLU A 298 13.77 -2.96 -46.10
C GLU A 298 14.33 -4.21 -45.47
N ASP A 299 15.19 -4.93 -46.18
CA ASP A 299 15.70 -6.20 -45.67
C ASP A 299 16.66 -5.98 -44.50
N ALA A 300 17.48 -4.93 -44.56
CA ALA A 300 18.37 -4.64 -43.44
C ALA A 300 17.59 -4.28 -42.18
N ALA A 301 16.55 -3.45 -42.33
CA ALA A 301 15.73 -3.10 -41.18
C ALA A 301 14.98 -4.30 -40.64
N ALA A 302 14.50 -5.17 -41.52
CA ALA A 302 13.85 -6.39 -41.08
C ALA A 302 14.82 -7.28 -40.31
N TYR A 303 16.08 -7.36 -40.76
CA TYR A 303 17.07 -8.14 -40.05
C TYR A 303 17.37 -7.55 -38.68
N ILE A 304 17.44 -6.22 -38.59
CA ILE A 304 17.65 -5.56 -37.29
C ILE A 304 16.49 -5.86 -36.35
N GLN A 305 15.27 -5.72 -36.84
CA GLN A 305 14.10 -6.01 -36.02
C GLN A 305 14.09 -7.47 -35.59
N ALA A 306 14.51 -8.37 -36.49
CA ALA A 306 14.57 -9.79 -36.15
C ALA A 306 15.60 -10.05 -35.06
N GLN A 307 16.76 -9.37 -35.15
CA GLN A 307 17.77 -9.51 -34.10
C GLN A 307 17.24 -9.05 -32.76
N PHE A 308 16.50 -7.94 -32.75
CA PHE A 308 15.91 -7.47 -31.50
C PHE A 308 14.85 -8.45 -30.98
N GLU A 309 13.97 -8.93 -31.86
CA GLU A 309 12.92 -9.84 -31.45
C GLU A 309 13.44 -11.19 -31.00
N SER A 310 14.62 -11.60 -31.47
CA SER A 310 15.19 -12.87 -31.07
C SER A 310 15.59 -12.91 -29.60
N LYS A 311 15.61 -11.76 -28.93
CA LYS A 311 15.96 -11.68 -27.52
C LYS A 311 14.81 -12.01 -26.59
N ASN A 312 13.60 -12.21 -27.13
CA ASN A 312 12.41 -12.43 -26.33
C ASN A 312 12.55 -13.67 -25.45
N ARG A 313 12.63 -14.85 -26.07
CA ARG A 313 12.82 -16.11 -25.34
C ARG A 313 11.74 -16.33 -24.28
N SER A 314 10.49 -15.96 -24.61
CA SER A 314 9.38 -16.15 -23.69
C SER A 314 8.08 -16.13 -24.47
N PRO A 315 7.10 -16.97 -24.12
CA PRO A 315 5.85 -17.02 -24.88
C PRO A 315 4.80 -16.05 -24.36
N ASN A 316 4.97 -15.56 -23.13
CA ASN A 316 3.96 -14.76 -22.48
C ASN A 316 4.15 -13.26 -22.68
N LYS A 317 5.10 -12.85 -23.52
CA LYS A 317 5.26 -11.45 -23.87
C LYS A 317 5.44 -11.35 -25.38
N GLU A 318 5.09 -10.18 -25.91
CA GLU A 318 5.20 -9.90 -27.33
C GLU A 318 5.98 -8.60 -27.50
N ILE A 319 6.71 -8.51 -28.61
CA ILE A 319 7.44 -7.30 -28.96
C ILE A 319 6.73 -6.68 -30.16
N TYR A 320 6.22 -5.46 -29.98
CA TYR A 320 5.45 -4.78 -31.01
C TYR A 320 6.36 -3.79 -31.73
N CYS A 321 7.20 -4.33 -32.61
CA CYS A 321 8.17 -3.51 -33.32
C CYS A 321 7.47 -2.55 -34.28
N HIS A 322 7.88 -1.29 -34.25
CA HIS A 322 7.40 -0.29 -35.18
C HIS A 322 8.57 0.54 -35.66
N MET A 323 8.55 0.90 -36.93
CA MET A 323 9.61 1.71 -37.54
C MET A 323 9.14 3.15 -37.65
N THR A 324 9.91 4.06 -37.06
CA THR A 324 9.55 5.47 -36.97
C THR A 324 10.59 6.31 -37.67
N CYS A 325 10.16 7.42 -38.26
CA CYS A 325 11.04 8.30 -39.02
C CYS A 325 11.20 9.66 -38.35
N SER A 326 10.89 9.77 -37.07
CA SER A 326 11.02 10.98 -36.26
C SER A 326 10.14 12.13 -36.76
N THR A 327 9.28 11.88 -37.75
CA THR A 327 8.39 12.91 -38.28
C THR A 327 6.95 12.46 -38.42
N ASP A 328 6.66 11.17 -38.48
CA ASP A 328 5.29 10.70 -38.60
C ASP A 328 4.56 10.88 -37.28
N THR A 329 3.35 11.43 -37.35
CA THR A 329 2.53 11.66 -36.17
C THR A 329 1.56 10.50 -35.96
N ASN A 330 2.14 9.32 -35.72
CA ASN A 330 1.38 8.09 -35.60
C ASN A 330 1.80 7.23 -34.41
N ASN A 331 2.93 7.54 -33.77
CA ASN A 331 3.44 6.67 -32.71
C ASN A 331 2.49 6.58 -31.54
N ILE A 332 1.65 7.59 -31.33
CA ILE A 332 0.67 7.52 -30.25
C ILE A 332 -0.34 6.42 -30.57
N GLN A 333 -0.79 6.35 -31.82
CA GLN A 333 -1.69 5.29 -32.24
C GLN A 333 -1.01 3.93 -32.15
N VAL A 334 0.28 3.85 -32.47
CA VAL A 334 1.00 2.59 -32.38
C VAL A 334 1.06 2.11 -30.93
N VAL A 335 1.37 3.03 -30.01
CA VAL A 335 1.40 2.67 -28.59
C VAL A 335 0.02 2.25 -28.13
N PHE A 336 -1.02 2.98 -28.55
CA PHE A 336 -2.37 2.62 -28.16
C PHE A 336 -2.75 1.24 -28.67
N ASP A 337 -2.45 0.95 -29.93
CA ASP A 337 -2.76 -0.35 -30.50
C ASP A 337 -2.01 -1.46 -29.79
N ALA A 338 -0.74 -1.25 -29.49
CA ALA A 338 0.03 -2.28 -28.80
C ALA A 338 -0.49 -2.50 -27.39
N VAL A 339 -0.88 -1.42 -26.70
CA VAL A 339 -1.41 -1.56 -25.34
C VAL A 339 -2.76 -2.27 -25.37
N THR A 340 -3.61 -1.91 -26.33
CA THR A 340 -4.88 -2.60 -26.53
C THR A 340 -4.66 -4.09 -26.76
N ASP A 341 -3.69 -4.43 -27.62
CA ASP A 341 -3.40 -5.82 -27.90
C ASP A 341 -2.87 -6.52 -26.66
N ILE A 342 -2.04 -5.85 -25.87
CA ILE A 342 -1.51 -6.43 -24.64
C ILE A 342 -2.64 -6.73 -23.67
N ILE A 343 -3.57 -5.78 -23.50
CA ILE A 343 -4.70 -5.99 -22.59
C ILE A 343 -5.57 -7.13 -23.08
N ILE A 344 -5.87 -7.16 -24.37
CA ILE A 344 -6.70 -8.23 -24.93
C ILE A 344 -6.04 -9.58 -24.74
N ALA A 345 -4.73 -9.66 -25.02
CA ALA A 345 -4.02 -10.92 -24.87
C ALA A 345 -3.93 -11.35 -23.42
N ASN A 346 -3.79 -10.39 -22.49
CA ASN A 346 -3.78 -10.72 -21.07
C ASN A 346 -5.13 -11.28 -20.64
N ASN A 347 -6.23 -10.66 -21.09
CA ASN A 347 -7.55 -11.15 -20.75
C ASN A 347 -7.81 -12.51 -21.36
N LEU A 348 -7.35 -12.73 -22.59
CA LEU A 348 -7.44 -14.05 -23.21
C LEU A 348 -6.64 -15.08 -22.42
N ARG A 349 -5.45 -14.70 -21.97
CA ARG A 349 -4.62 -15.60 -21.17
C ARG A 349 -5.32 -15.97 -19.86
N GLY A 350 -6.01 -15.01 -19.25
CA GLY A 350 -6.72 -15.30 -18.01
C GLY A 350 -7.80 -16.35 -18.20
N CYS A 351 -8.44 -16.36 -19.36
CA CYS A 351 -9.54 -17.26 -19.66
C CYS A 351 -9.06 -18.61 -20.18
N GLY A 352 -7.77 -18.80 -20.39
CA GLY A 352 -7.28 -19.99 -21.04
C GLY A 352 -7.40 -19.96 -22.55
N LEU A 353 -7.56 -18.78 -23.13
CA LEU A 353 -7.75 -18.61 -24.57
C LEU A 353 -6.50 -18.07 -25.25
N TYR A 354 -5.33 -18.28 -24.65
CA TYR A 354 -4.10 -17.67 -25.10
C TYR A 354 -2.92 -18.25 -24.35
N LEU B 25 49.92 4.90 -9.27
CA LEU B 25 49.63 4.84 -7.85
C LEU B 25 48.73 3.65 -7.52
N ARG B 26 48.37 2.89 -8.55
CA ARG B 26 47.57 1.69 -8.34
C ARG B 26 48.31 0.66 -7.51
N GLN B 27 49.62 0.51 -7.75
CA GLN B 27 50.42 -0.40 -6.94
C GLN B 27 50.47 0.05 -5.48
N GLU B 28 50.63 1.36 -5.26
CA GLU B 28 50.62 1.87 -3.89
C GLU B 28 49.28 1.63 -3.22
N ALA B 29 48.18 1.83 -3.94
CA ALA B 29 46.86 1.58 -3.38
C ALA B 29 46.67 0.11 -3.04
N GLU B 30 47.12 -0.79 -3.91
CA GLU B 30 47.00 -2.21 -3.64
C GLU B 30 47.86 -2.63 -2.46
N GLN B 31 49.06 -2.07 -2.35
CA GLN B 31 49.91 -2.34 -1.20
C GLN B 31 49.27 -1.84 0.09
N LEU B 32 48.66 -0.65 0.05
CA LEU B 32 47.97 -0.13 1.22
C LEU B 32 46.81 -1.03 1.62
N LYS B 33 46.05 -1.50 0.63
CA LYS B 33 44.95 -2.43 0.94
C LYS B 33 45.48 -3.72 1.55
N ASN B 34 46.58 -4.24 1.01
CA ASN B 34 47.16 -5.48 1.55
C ASN B 34 47.64 -5.30 2.98
N GLN B 35 48.30 -4.18 3.27
CA GLN B 35 48.79 -3.98 4.62
C GLN B 35 47.67 -3.65 5.59
N ILE B 36 46.60 -3.01 5.11
CA ILE B 36 45.44 -2.78 5.96
C ILE B 36 44.76 -4.10 6.31
N ARG B 37 44.64 -5.00 5.32
CA ARG B 37 44.04 -6.29 5.62
C ARG B 37 44.96 -7.15 6.48
N ASP B 38 46.28 -6.95 6.38
CA ASP B 38 47.19 -7.61 7.31
C ASP B 38 47.01 -7.08 8.72
N ALA B 39 46.80 -5.77 8.86
CA ALA B 39 46.51 -5.20 10.18
C ALA B 39 45.21 -5.75 10.73
N ARG B 40 44.19 -5.91 9.88
CA ARG B 40 42.94 -6.50 10.32
C ARG B 40 43.13 -7.95 10.76
N LYS B 41 43.89 -8.73 9.99
CA LYS B 41 44.18 -10.10 10.38
C LYS B 41 44.98 -10.16 11.68
N ALA B 42 45.78 -9.14 11.94
CA ALA B 42 46.54 -9.09 13.19
C ALA B 42 45.61 -9.02 14.39
N CYS B 43 44.50 -8.28 14.25
CA CYS B 43 43.55 -8.12 15.35
C CYS B 43 42.60 -9.31 15.49
N ALA B 44 42.62 -10.26 14.55
CA ALA B 44 41.73 -11.41 14.60
C ALA B 44 42.24 -12.41 15.65
N ASP B 45 42.18 -11.97 16.91
CA ASP B 45 42.65 -12.81 18.00
C ASP B 45 41.67 -13.94 18.29
N ALA B 46 40.37 -13.64 18.25
CA ALA B 46 39.35 -14.65 18.53
C ALA B 46 38.04 -14.20 17.89
N THR B 47 37.48 -15.05 17.03
CA THR B 47 36.24 -14.71 16.35
C THR B 47 35.09 -14.57 17.34
N LEU B 48 34.15 -13.70 17.02
CA LEU B 48 32.96 -13.54 17.85
C LEU B 48 32.17 -14.84 17.96
N SER B 49 32.29 -15.72 16.95
CA SER B 49 31.63 -17.01 17.01
C SER B 49 32.21 -17.87 18.13
N GLN B 50 33.51 -17.75 18.39
CA GLN B 50 34.13 -18.56 19.43
C GLN B 50 33.76 -18.06 20.82
N ILE B 51 33.72 -16.75 21.02
CA ILE B 51 33.55 -16.19 22.36
C ILE B 51 32.17 -16.53 22.91
N THR B 52 31.15 -16.56 22.05
CA THR B 52 29.78 -16.77 22.50
C THR B 52 29.33 -18.23 22.41
N ASN B 53 30.27 -19.18 22.38
CA ASN B 53 29.88 -20.58 22.50
C ASN B 53 29.36 -20.88 23.90
N ASN B 54 29.99 -20.32 24.93
CA ASN B 54 29.67 -20.63 26.31
C ASN B 54 28.69 -19.66 26.93
N ILE B 55 27.79 -19.10 26.12
CA ILE B 55 26.72 -18.23 26.61
C ILE B 55 25.40 -18.80 26.12
N ASP B 56 24.36 -18.64 26.94
CA ASP B 56 23.06 -19.23 26.63
C ASP B 56 22.48 -18.61 25.37
N PRO B 57 22.16 -19.40 24.35
CA PRO B 57 21.48 -18.84 23.18
C PRO B 57 20.05 -18.47 23.51
N VAL B 58 19.55 -17.44 22.84
CA VAL B 58 18.11 -17.18 22.89
C VAL B 58 17.40 -18.40 22.31
N GLY B 59 16.37 -18.86 23.02
CA GLY B 59 15.78 -20.13 22.67
C GLY B 59 15.16 -20.14 21.29
N ARG B 60 14.05 -19.42 21.13
CA ARG B 60 13.43 -19.28 19.83
C ARG B 60 12.47 -18.09 19.84
N ILE B 61 12.82 -17.03 19.12
CA ILE B 61 11.93 -15.88 19.03
C ILE B 61 10.72 -16.26 18.19
N GLN B 62 9.54 -16.20 18.79
CA GLN B 62 8.28 -16.47 18.12
C GLN B 62 7.43 -15.22 18.29
N MET B 63 7.58 -14.27 17.38
CA MET B 63 6.78 -13.06 17.40
C MET B 63 5.54 -13.24 16.54
N ARG B 64 4.51 -12.47 16.86
CA ARG B 64 3.21 -12.58 16.22
C ARG B 64 2.79 -11.21 15.73
N THR B 65 2.24 -11.16 14.53
CA THR B 65 1.76 -9.90 13.99
C THR B 65 0.64 -9.36 14.86
N ARG B 66 0.87 -8.19 15.44
CA ARG B 66 -0.09 -7.56 16.35
C ARG B 66 -1.04 -6.64 15.60
N ARG B 67 -0.50 -5.79 14.74
CA ARG B 67 -1.29 -4.91 13.90
C ARG B 67 -0.91 -5.13 12.45
N THR B 68 -1.88 -4.96 11.56
CA THR B 68 -1.66 -4.98 10.13
C THR B 68 -2.15 -3.66 9.57
N LEU B 69 -1.24 -2.87 9.03
CA LEU B 69 -1.56 -1.53 8.55
C LEU B 69 -1.92 -1.62 7.08
N ARG B 70 -3.20 -1.43 6.77
CA ARG B 70 -3.71 -1.50 5.41
C ARG B 70 -4.12 -0.11 4.97
N GLY B 71 -3.91 0.18 3.69
CA GLY B 71 -4.21 1.49 3.16
C GLY B 71 -3.23 1.92 2.10
N HIS B 72 -2.04 1.31 2.08
CA HIS B 72 -1.15 1.45 0.95
C HIS B 72 -1.64 0.56 -0.18
N LEU B 73 -1.85 1.14 -1.35
CA LEU B 73 -2.40 0.43 -2.49
C LEU B 73 -1.34 0.05 -3.50
N ALA B 74 -0.06 0.11 -3.12
CA ALA B 74 1.03 -0.28 -3.99
C ALA B 74 2.18 -0.79 -3.14
N LYS B 75 3.33 -0.95 -3.77
CA LYS B 75 4.49 -1.55 -3.13
C LYS B 75 5.08 -0.62 -2.09
N ILE B 76 5.19 -1.08 -0.85
CA ILE B 76 5.79 -0.30 0.23
C ILE B 76 7.31 -0.51 0.18
N TYR B 77 8.05 0.56 -0.04
CA TYR B 77 9.50 0.49 -0.13
C TYR B 77 10.21 0.88 1.15
N ALA B 78 9.64 1.79 1.94
CA ALA B 78 10.32 2.22 3.15
C ALA B 78 9.32 2.51 4.25
N MET B 79 9.69 2.19 5.48
CA MET B 79 9.03 2.68 6.66
C MET B 79 10.07 3.18 7.65
N HIS B 80 9.66 4.12 8.49
CA HIS B 80 10.49 4.56 9.60
C HIS B 80 9.63 4.71 10.85
N TRP B 81 10.16 4.27 11.98
CA TRP B 81 9.48 4.44 13.25
C TRP B 81 9.72 5.82 13.82
N GLY B 82 8.70 6.37 14.46
CA GLY B 82 8.89 7.55 15.27
C GLY B 82 9.68 7.25 16.53
N THR B 83 10.29 8.29 17.08
CA THR B 83 11.04 8.11 18.32
C THR B 83 10.12 7.87 19.51
N ASP B 84 8.84 8.21 19.40
CA ASP B 84 7.89 7.90 20.45
C ASP B 84 7.47 6.44 20.42
N SER B 85 7.91 5.68 19.42
CA SER B 85 7.68 4.24 19.30
C SER B 85 6.21 3.90 19.09
N ARG B 86 5.42 4.87 18.69
CA ARG B 86 4.00 4.68 18.38
C ARG B 86 3.65 5.12 16.98
N LEU B 87 4.21 6.24 16.52
CA LEU B 87 3.98 6.71 15.16
C LEU B 87 5.03 6.14 14.23
N LEU B 88 4.62 5.78 13.03
CA LEU B 88 5.56 5.35 12.00
C LEU B 88 5.10 5.90 10.67
N VAL B 89 6.05 6.32 9.85
CA VAL B 89 5.78 6.76 8.49
C VAL B 89 6.14 5.62 7.55
N SER B 90 5.35 5.47 6.49
CA SER B 90 5.63 4.49 5.46
C SER B 90 5.55 5.15 4.10
N ALA B 91 6.38 4.66 3.18
CA ALA B 91 6.45 5.18 1.82
C ALA B 91 6.12 4.07 0.85
N SER B 92 5.26 4.36 -0.12
CA SER B 92 4.86 3.37 -1.10
C SER B 92 4.71 4.04 -2.45
N GLN B 93 4.74 3.21 -3.50
CA GLN B 93 4.73 3.71 -4.86
C GLN B 93 3.37 4.23 -5.31
N ASP B 94 2.35 4.12 -4.47
CA ASP B 94 1.10 4.75 -4.85
C ASP B 94 1.14 6.26 -4.67
N GLY B 95 2.31 6.84 -4.39
CA GLY B 95 2.45 8.27 -4.25
C GLY B 95 1.94 8.84 -2.95
N LYS B 96 1.64 7.99 -1.96
CA LYS B 96 1.13 8.44 -0.68
C LYS B 96 2.12 8.07 0.41
N LEU B 97 2.45 9.04 1.24
CA LEU B 97 3.29 8.83 2.42
C LEU B 97 2.37 8.84 3.62
N ILE B 98 2.20 7.69 4.26
CA ILE B 98 1.20 7.52 5.31
C ILE B 98 1.92 7.46 6.66
N ILE B 99 1.39 8.23 7.62
CA ILE B 99 1.84 8.17 9.01
C ILE B 99 0.81 7.38 9.80
N TRP B 100 1.26 6.34 10.49
CA TRP B 100 0.39 5.41 11.18
C TRP B 100 0.49 5.59 12.68
N ASP B 101 -0.66 5.58 13.35
CA ASP B 101 -0.73 5.40 14.79
C ASP B 101 -0.74 3.89 15.02
N SER B 102 0.45 3.32 15.17
CA SER B 102 0.60 1.87 15.16
C SER B 102 -0.09 1.20 16.34
N TYR B 103 -0.40 1.95 17.41
CA TYR B 103 -1.16 1.36 18.51
C TYR B 103 -2.60 1.09 18.11
N THR B 104 -3.25 2.07 17.48
CA THR B 104 -4.64 1.95 17.07
C THR B 104 -4.81 1.66 15.58
N THR B 105 -3.70 1.55 14.83
CA THR B 105 -3.69 1.39 13.38
C THR B 105 -4.34 2.57 12.67
N ASN B 106 -4.52 3.69 13.35
CA ASN B 106 -5.10 4.85 12.73
C ASN B 106 -4.10 5.49 11.77
N LYS B 107 -4.62 6.18 10.77
CA LYS B 107 -3.81 6.92 9.82
C LYS B 107 -3.79 8.38 10.26
N VAL B 108 -2.64 8.82 10.80
CA VAL B 108 -2.53 10.19 11.29
C VAL B 108 -2.51 11.16 10.12
N HIS B 109 -1.73 10.86 9.09
CA HIS B 109 -1.64 11.69 7.89
C HIS B 109 -1.52 10.79 6.68
N ALA B 110 -1.99 11.29 5.54
CA ALA B 110 -1.72 10.69 4.25
C ALA B 110 -1.14 11.78 3.37
N ILE B 111 0.17 11.72 3.13
CA ILE B 111 0.89 12.77 2.43
C ILE B 111 1.00 12.37 0.96
N PRO B 112 0.41 13.13 0.03
CA PRO B 112 0.54 12.81 -1.40
C PRO B 112 1.84 13.37 -1.95
N LEU B 113 2.70 12.47 -2.43
CA LEU B 113 4.00 12.87 -2.93
C LEU B 113 3.88 13.39 -4.37
N ARG B 114 4.69 14.40 -4.68
CA ARG B 114 4.72 14.91 -6.04
C ARG B 114 5.27 13.87 -7.01
N SER B 115 6.28 13.12 -6.58
CA SER B 115 6.80 11.99 -7.34
C SER B 115 6.43 10.72 -6.59
N SER B 116 5.68 9.84 -7.26
CA SER B 116 5.26 8.59 -6.64
C SER B 116 6.38 7.58 -6.53
N TRP B 117 7.53 7.85 -7.14
CA TRP B 117 8.63 6.88 -7.20
C TRP B 117 9.54 6.99 -5.98
N VAL B 118 8.93 6.90 -4.81
CA VAL B 118 9.65 7.01 -3.55
C VAL B 118 10.37 5.70 -3.25
N MET B 119 11.60 5.80 -2.77
CA MET B 119 12.36 4.64 -2.37
C MET B 119 12.77 4.65 -0.91
N THR B 120 12.58 5.77 -0.21
CA THR B 120 13.02 5.89 1.17
C THR B 120 12.14 6.90 1.88
N CYS B 121 12.02 6.74 3.19
CA CYS B 121 11.32 7.70 4.02
C CYS B 121 11.98 7.74 5.38
N ALA B 122 12.02 8.94 5.97
CA ALA B 122 12.57 9.14 7.30
C ALA B 122 11.58 9.94 8.13
N TYR B 123 11.58 9.70 9.43
CA TYR B 123 10.76 10.44 10.36
C TYR B 123 11.72 11.19 11.27
N ALA B 124 11.48 12.47 11.48
CA ALA B 124 12.41 13.26 12.28
C ALA B 124 12.39 12.78 13.73
N PRO B 125 13.55 12.79 14.41
CA PRO B 125 13.55 12.39 15.82
C PRO B 125 12.70 13.30 16.69
N SER B 126 12.52 14.56 16.29
CA SER B 126 11.58 15.43 16.98
C SER B 126 10.14 15.00 16.71
N GLY B 127 9.86 14.56 15.49
CA GLY B 127 8.53 14.21 15.08
C GLY B 127 7.82 15.25 14.26
N ASN B 128 8.47 16.37 13.98
CA ASN B 128 7.85 17.47 13.26
C ASN B 128 8.01 17.36 11.75
N TYR B 129 8.90 16.50 11.27
CA TYR B 129 9.17 16.37 9.86
C TYR B 129 9.24 14.90 9.47
N VAL B 130 8.81 14.63 8.25
CA VAL B 130 9.15 13.39 7.57
C VAL B 130 9.84 13.78 6.27
N ALA B 131 10.76 12.92 5.84
CA ALA B 131 11.43 13.09 4.56
C ALA B 131 11.18 11.86 3.70
N CYS B 132 11.22 12.06 2.40
CA CYS B 132 11.07 10.95 1.46
C CYS B 132 11.72 11.34 0.15
N GLY B 133 12.01 10.32 -0.65
CA GLY B 133 12.63 10.55 -1.94
C GLY B 133 12.78 9.24 -2.68
N GLY B 134 13.28 9.34 -3.90
CA GLY B 134 13.37 8.19 -4.75
C GLY B 134 13.89 8.54 -6.13
N LEU B 135 13.21 8.06 -7.16
CA LEU B 135 13.66 8.24 -8.53
C LEU B 135 13.63 9.69 -8.98
N ASP B 136 13.00 10.59 -8.22
CA ASP B 136 13.05 12.01 -8.54
C ASP B 136 14.38 12.66 -8.16
N ASN B 137 15.24 11.95 -7.43
CA ASN B 137 16.56 12.42 -7.00
C ASN B 137 16.46 13.58 -6.01
N ILE B 138 15.35 13.71 -5.30
CA ILE B 138 15.12 14.82 -4.39
C ILE B 138 14.70 14.26 -3.04
N CYS B 139 15.25 14.83 -1.97
CA CYS B 139 14.74 14.60 -0.63
C CYS B 139 13.73 15.68 -0.31
N SER B 140 12.46 15.30 -0.23
CA SER B 140 11.39 16.24 0.12
C SER B 140 11.16 16.17 1.62
N ILE B 141 11.25 17.31 2.28
CA ILE B 141 10.97 17.43 3.70
C ILE B 141 9.53 17.90 3.85
N TYR B 142 8.78 17.23 4.73
CA TYR B 142 7.38 17.52 4.95
C TYR B 142 7.18 18.02 6.37
N ASN B 143 6.56 19.18 6.51
CA ASN B 143 6.27 19.75 7.82
C ASN B 143 4.98 19.13 8.34
N LEU B 144 5.09 18.23 9.30
CA LEU B 144 3.92 17.56 9.85
C LEU B 144 3.11 18.50 10.74
N LYS B 145 3.77 19.45 11.39
CA LYS B 145 3.14 20.31 12.38
C LYS B 145 3.20 21.74 11.86
N THR B 146 2.23 22.08 11.04
CA THR B 146 2.10 23.42 10.48
C THR B 146 0.98 24.17 11.20
N ARG B 147 1.02 25.50 11.06
CA ARG B 147 -0.04 26.31 11.65
C ARG B 147 -1.38 25.97 11.01
N GLU B 148 -1.38 25.78 9.69
CA GLU B 148 -2.48 25.13 9.00
C GLU B 148 -2.43 23.63 9.26
N GLY B 149 -3.57 22.98 9.11
CA GLY B 149 -3.62 21.58 9.47
C GLY B 149 -3.09 20.61 8.45
N ASN B 150 -2.62 21.09 7.31
CA ASN B 150 -2.11 20.22 6.26
C ASN B 150 -0.64 19.93 6.48
N VAL B 151 -0.21 18.77 5.98
CA VAL B 151 1.21 18.47 5.85
C VAL B 151 1.65 18.95 4.48
N ARG B 152 2.59 19.89 4.45
CA ARG B 152 3.05 20.48 3.20
C ARG B 152 4.55 20.26 3.05
N VAL B 153 5.02 20.34 1.80
CA VAL B 153 6.42 20.13 1.48
C VAL B 153 7.22 21.27 2.09
N SER B 154 8.00 20.97 3.12
CA SER B 154 8.80 22.01 3.77
C SER B 154 9.98 22.40 2.88
N ARG B 155 10.66 21.42 2.30
CA ARG B 155 11.86 21.68 1.51
C ARG B 155 12.06 20.53 0.54
N GLU B 156 12.54 20.86 -0.66
CA GLU B 156 12.93 19.87 -1.66
C GLU B 156 14.44 19.96 -1.82
N LEU B 157 15.15 18.91 -1.41
CA LEU B 157 16.61 18.91 -1.42
C LEU B 157 17.10 18.38 -2.75
N ALA B 158 17.38 19.28 -3.68
CA ALA B 158 17.91 18.93 -4.99
C ALA B 158 19.42 19.09 -5.01
N GLY B 159 20.07 18.22 -5.78
CA GLY B 159 21.52 18.21 -5.85
C GLY B 159 22.10 16.84 -5.99
N HIS B 160 21.32 15.82 -5.64
CA HIS B 160 21.68 14.44 -5.97
C HIS B 160 21.36 14.19 -7.44
N THR B 161 22.27 13.51 -8.13
CA THR B 161 22.08 13.18 -9.54
C THR B 161 21.69 11.71 -9.73
N GLY B 162 21.36 11.01 -8.66
CA GLY B 162 20.79 9.69 -8.74
C GLY B 162 19.64 9.56 -7.78
N TYR B 163 18.94 8.43 -7.85
CA TYR B 163 17.81 8.20 -6.97
C TYR B 163 18.28 8.20 -5.52
N LEU B 164 17.41 8.67 -4.63
CA LEU B 164 17.70 8.60 -3.20
C LEU B 164 17.23 7.27 -2.65
N SER B 165 18.15 6.53 -2.05
CA SER B 165 17.85 5.21 -1.50
C SER B 165 17.65 5.21 0.00
N CYS B 166 18.21 6.20 0.70
CA CYS B 166 18.01 6.33 2.14
C CYS B 166 18.12 7.78 2.52
N CYS B 167 17.54 8.12 3.66
CA CYS B 167 17.65 9.43 4.27
C CYS B 167 17.38 9.28 5.74
N ARG B 168 18.11 10.05 6.56
CA ARG B 168 17.95 10.00 8.00
C ARG B 168 18.17 11.40 8.56
N PHE B 169 17.24 11.87 9.37
CA PHE B 169 17.40 13.18 10.00
C PHE B 169 18.47 13.12 11.09
N LEU B 170 19.41 14.06 11.04
CA LEU B 170 20.23 14.33 12.21
C LEU B 170 19.41 15.06 13.28
N ASP B 171 18.67 16.07 12.86
CA ASP B 171 17.75 16.83 13.69
C ASP B 171 16.76 17.51 12.75
N ASP B 172 16.04 18.51 13.24
CA ASP B 172 15.06 19.20 12.43
C ASP B 172 15.69 19.98 11.27
N ASN B 173 16.98 20.29 11.35
CA ASN B 173 17.63 21.12 10.34
C ASN B 173 18.67 20.38 9.52
N GLN B 174 19.09 19.19 9.91
CA GLN B 174 20.08 18.42 9.17
C GLN B 174 19.53 17.05 8.84
N ILE B 175 19.70 16.64 7.59
CA ILE B 175 19.35 15.30 7.15
C ILE B 175 20.47 14.78 6.24
N VAL B 176 20.85 13.53 6.43
CA VAL B 176 21.82 12.86 5.57
C VAL B 176 21.08 11.96 4.61
N THR B 177 21.41 12.06 3.32
CA THR B 177 20.75 11.29 2.28
C THR B 177 21.79 10.52 1.49
N SER B 178 21.49 9.26 1.18
CA SER B 178 22.27 8.48 0.25
C SER B 178 21.58 8.45 -1.10
N SER B 179 22.38 8.31 -2.15
CA SER B 179 21.84 8.40 -3.49
C SER B 179 22.41 7.29 -4.37
N GLY B 180 21.78 7.12 -5.52
CA GLY B 180 22.30 6.31 -6.61
C GLY B 180 23.35 6.99 -7.44
N ASP B 181 23.71 8.23 -7.11
CA ASP B 181 24.87 8.88 -7.71
C ASP B 181 26.16 8.52 -7.02
N THR B 182 26.14 7.45 -6.23
CA THR B 182 27.27 6.89 -5.47
C THR B 182 27.71 7.79 -4.34
N THR B 183 27.06 8.92 -4.11
CA THR B 183 27.46 9.87 -3.08
C THR B 183 26.35 10.05 -2.05
N CYS B 184 26.73 10.08 -0.79
CA CYS B 184 25.85 10.54 0.27
C CYS B 184 26.02 12.05 0.44
N ALA B 185 25.05 12.67 1.09
CA ALA B 185 25.07 14.11 1.28
C ALA B 185 24.51 14.46 2.64
N LEU B 186 25.12 15.46 3.27
CA LEU B 186 24.58 16.08 4.47
C LEU B 186 23.95 17.41 4.07
N TRP B 187 22.71 17.62 4.48
CA TRP B 187 21.94 18.76 4.02
C TRP B 187 21.63 19.71 5.18
N ASP B 188 21.70 21.00 4.88
CA ASP B 188 21.10 22.02 5.72
C ASP B 188 19.68 22.23 5.22
N ILE B 189 18.70 21.76 5.99
CA ILE B 189 17.32 21.77 5.51
C ILE B 189 16.84 23.20 5.32
N GLU B 190 17.21 24.10 6.22
CA GLU B 190 16.75 25.48 6.14
C GLU B 190 17.22 26.15 4.85
N THR B 191 18.48 25.97 4.50
CA THR B 191 19.03 26.57 3.29
C THR B 191 18.96 25.65 2.09
N GLY B 192 18.52 24.41 2.27
CA GLY B 192 18.40 23.48 1.16
C GLY B 192 19.72 23.15 0.50
N GLN B 193 20.83 23.32 1.20
CA GLN B 193 22.15 23.17 0.62
C GLN B 193 22.83 21.92 1.15
N GLN B 194 23.65 21.30 0.30
CA GLN B 194 24.49 20.19 0.71
C GLN B 194 25.61 20.73 1.60
N THR B 195 25.44 20.60 2.92
CA THR B 195 26.50 20.98 3.83
C THR B 195 27.77 20.18 3.55
N THR B 196 27.63 18.87 3.35
CA THR B 196 28.75 18.01 3.07
C THR B 196 28.33 17.00 2.01
N THR B 197 29.30 16.59 1.19
CA THR B 197 29.11 15.52 0.23
C THR B 197 30.04 14.38 0.61
N PHE B 198 29.51 13.17 0.67
CA PHE B 198 30.26 12.00 1.13
C PHE B 198 30.54 11.14 -0.10
N THR B 199 31.65 11.42 -0.77
CA THR B 199 32.05 10.68 -1.95
C THR B 199 33.09 9.62 -1.59
N GLY B 200 33.12 8.56 -2.38
CA GLY B 200 34.07 7.48 -2.14
C GLY B 200 33.51 6.12 -2.49
N HIS B 201 32.19 5.99 -2.55
CA HIS B 201 31.58 4.78 -3.07
C HIS B 201 31.70 4.76 -4.58
N THR B 202 31.92 3.57 -5.13
CA THR B 202 31.99 3.41 -6.58
C THR B 202 30.67 2.98 -7.20
N GLY B 203 29.76 2.41 -6.40
CA GLY B 203 28.46 2.00 -6.86
C GLY B 203 27.35 2.75 -6.15
N ASP B 204 26.12 2.41 -6.54
CA ASP B 204 24.95 3.06 -5.98
C ASP B 204 24.91 2.86 -4.48
N VAL B 205 24.71 3.94 -3.74
CA VAL B 205 24.62 3.84 -2.29
C VAL B 205 23.17 3.52 -1.95
N MET B 206 22.96 2.44 -1.21
CA MET B 206 21.62 1.91 -1.02
C MET B 206 21.01 2.18 0.35
N SER B 207 21.83 2.48 1.35
CA SER B 207 21.30 2.57 2.71
C SER B 207 22.20 3.47 3.54
N LEU B 208 21.60 4.02 4.59
CA LEU B 208 22.30 4.79 5.61
C LEU B 208 21.92 4.26 6.98
N SER B 209 22.81 4.49 7.95
CA SER B 209 22.49 4.27 9.35
C SER B 209 23.27 5.29 10.16
N LEU B 210 22.56 6.14 10.89
CA LEU B 210 23.20 7.07 11.79
C LEU B 210 23.62 6.37 13.07
N ALA B 211 24.79 6.73 13.58
CA ALA B 211 25.17 6.29 14.91
C ALA B 211 24.26 6.95 15.93
N PRO B 212 24.06 6.32 17.09
CA PRO B 212 23.16 6.92 18.10
C PRO B 212 23.57 8.31 18.52
N ASP B 213 24.86 8.63 18.48
CA ASP B 213 25.31 9.99 18.77
C ASP B 213 25.28 10.90 17.54
N THR B 214 24.95 10.35 16.36
CA THR B 214 24.81 11.09 15.11
C THR B 214 26.07 11.88 14.73
N ARG B 215 27.21 11.55 15.33
CA ARG B 215 28.48 12.15 14.95
C ARG B 215 29.09 11.47 13.74
N LEU B 216 28.56 10.33 13.33
CA LEU B 216 29.11 9.54 12.24
C LEU B 216 28.04 8.56 11.77
N PHE B 217 28.10 8.19 10.49
CA PHE B 217 27.13 7.28 9.92
C PHE B 217 27.82 6.31 8.97
N VAL B 218 27.27 5.10 8.88
CA VAL B 218 27.71 4.12 7.91
C VAL B 218 26.77 4.18 6.71
N SER B 219 27.26 3.68 5.58
CA SER B 219 26.48 3.63 4.35
C SER B 219 26.94 2.43 3.55
N GLY B 220 26.01 1.53 3.24
CA GLY B 220 26.30 0.40 2.38
C GLY B 220 25.89 0.69 0.95
N ALA B 221 26.70 0.25 0.01
CA ALA B 221 26.44 0.57 -1.39
C ALA B 221 26.57 -0.64 -2.30
N CYS B 222 26.47 -0.40 -3.60
CA CYS B 222 26.50 -1.47 -4.60
C CYS B 222 27.90 -1.87 -5.01
N ASP B 223 28.94 -1.26 -4.46
CA ASP B 223 30.29 -1.79 -4.60
C ASP B 223 30.58 -2.87 -3.56
N ALA B 224 29.54 -3.42 -2.95
CA ALA B 224 29.67 -4.46 -1.93
C ALA B 224 30.53 -4.01 -0.77
N SER B 225 30.52 -2.72 -0.48
CA SER B 225 31.31 -2.14 0.60
C SER B 225 30.45 -1.20 1.42
N ALA B 226 30.75 -1.13 2.71
CA ALA B 226 30.09 -0.22 3.64
C ALA B 226 31.15 0.71 4.21
N LYS B 227 30.96 2.01 4.01
CA LYS B 227 31.95 2.99 4.42
C LYS B 227 31.47 3.76 5.65
N LEU B 228 32.37 3.93 6.60
CA LEU B 228 32.09 4.68 7.82
C LEU B 228 32.43 6.15 7.58
N TRP B 229 31.42 7.01 7.69
CA TRP B 229 31.56 8.42 7.37
C TRP B 229 31.51 9.25 8.64
N ASP B 230 32.40 10.24 8.73
CA ASP B 230 32.33 11.24 9.79
C ASP B 230 31.46 12.39 9.30
N VAL B 231 30.37 12.66 10.01
CA VAL B 231 29.44 13.70 9.57
C VAL B 231 30.10 15.06 9.59
N ARG B 232 30.82 15.37 10.67
CA ARG B 232 31.44 16.69 10.80
C ARG B 232 32.61 16.85 9.85
N GLU B 233 33.50 15.85 9.80
CA GLU B 233 34.68 15.97 8.94
C GLU B 233 34.32 15.77 7.47
N GLY B 234 33.31 14.96 7.17
CA GLY B 234 32.91 14.74 5.81
C GLY B 234 33.78 13.79 5.03
N MET B 235 34.45 12.86 5.71
CA MET B 235 35.39 11.95 5.08
C MET B 235 35.14 10.53 5.56
N CYS B 236 35.52 9.57 4.72
CA CYS B 236 35.28 8.16 5.02
C CYS B 236 36.33 7.70 6.04
N ARG B 237 35.88 7.40 7.26
CA ARG B 237 36.82 6.96 8.29
C ARG B 237 37.30 5.54 8.03
N GLN B 238 36.38 4.64 7.69
CA GLN B 238 36.72 3.24 7.45
C GLN B 238 35.86 2.69 6.33
N THR B 239 36.37 1.68 5.64
CA THR B 239 35.65 0.97 4.59
C THR B 239 35.61 -0.51 4.93
N PHE B 240 34.42 -1.09 4.87
CA PHE B 240 34.21 -2.49 5.23
C PHE B 240 33.79 -3.27 4.01
N THR B 241 34.55 -4.31 3.68
CA THR B 241 34.38 -5.07 2.43
C THR B 241 34.37 -6.56 2.78
N GLY B 242 33.19 -7.09 3.07
CA GLY B 242 33.05 -8.52 3.28
C GLY B 242 32.01 -9.13 2.37
N HIS B 243 31.05 -8.31 1.93
CA HIS B 243 29.95 -8.79 1.12
C HIS B 243 30.41 -9.06 -0.31
N GLU B 244 29.68 -9.94 -0.98
CA GLU B 244 29.96 -10.28 -2.37
C GLU B 244 29.07 -9.55 -3.35
N SER B 245 27.86 -9.17 -2.94
CA SER B 245 26.90 -8.52 -3.81
C SER B 245 26.52 -7.15 -3.23
N ASP B 246 25.55 -6.52 -3.89
CA ASP B 246 25.16 -5.16 -3.55
C ASP B 246 24.57 -5.12 -2.15
N ILE B 247 25.03 -4.18 -1.33
CA ILE B 247 24.51 -4.02 0.02
C ILE B 247 23.24 -3.18 -0.04
N ASN B 248 22.11 -3.78 0.34
CA ASN B 248 20.83 -3.09 0.30
C ASN B 248 20.43 -2.49 1.63
N ALA B 249 21.01 -2.94 2.73
CA ALA B 249 20.57 -2.55 4.06
C ALA B 249 21.77 -2.43 4.98
N ILE B 250 21.68 -1.49 5.93
CA ILE B 250 22.72 -1.27 6.91
C ILE B 250 22.08 -0.74 8.18
N CYS B 251 22.66 -1.09 9.32
CA CYS B 251 22.10 -0.69 10.60
C CYS B 251 23.18 -0.78 11.67
N PHE B 252 23.37 0.29 12.44
CA PHE B 252 24.28 0.27 13.56
C PHE B 252 23.79 -0.64 14.69
N PHE B 253 24.76 -1.20 15.41
CA PHE B 253 24.49 -1.80 16.70
C PHE B 253 24.03 -0.70 17.66
N PRO B 254 23.18 -1.05 18.64
CA PRO B 254 22.64 0.01 19.51
C PRO B 254 23.69 0.82 20.24
N ASN B 255 24.88 0.26 20.51
CA ASN B 255 25.91 1.04 21.18
C ASN B 255 26.73 1.88 20.22
N GLY B 256 26.57 1.70 18.91
CA GLY B 256 27.28 2.49 17.93
C GLY B 256 28.67 2.00 17.60
N ASN B 257 29.16 0.96 18.26
CA ASN B 257 30.49 0.42 18.00
C ASN B 257 30.49 -0.70 16.97
N ALA B 258 29.35 -1.00 16.38
CA ALA B 258 29.26 -2.02 15.34
C ALA B 258 28.05 -1.71 14.46
N PHE B 259 28.01 -2.36 13.30
CA PHE B 259 26.87 -2.25 12.42
C PHE B 259 26.73 -3.55 11.65
N ALA B 260 25.53 -3.78 11.12
CA ALA B 260 25.22 -4.96 10.33
C ALA B 260 24.68 -4.55 8.98
N THR B 261 25.10 -5.28 7.95
CA THR B 261 24.69 -5.01 6.59
C THR B 261 23.76 -6.11 6.08
N GLY B 262 23.12 -5.83 4.96
CA GLY B 262 22.33 -6.83 4.26
C GLY B 262 22.51 -6.65 2.77
N SER B 263 22.91 -7.71 2.07
CA SER B 263 23.26 -7.60 0.67
C SER B 263 22.44 -8.58 -0.16
N ASP B 264 22.64 -8.53 -1.48
CA ASP B 264 21.97 -9.41 -2.40
C ASP B 264 22.51 -10.84 -2.36
N ASP B 265 23.65 -11.06 -1.71
CA ASP B 265 24.24 -12.39 -1.62
C ASP B 265 23.67 -13.21 -0.48
N ALA B 266 22.49 -12.86 0.02
CA ALA B 266 21.75 -13.66 0.99
C ALA B 266 22.52 -13.83 2.30
N THR B 267 23.28 -12.83 2.69
CA THR B 267 24.02 -12.88 3.95
C THR B 267 24.03 -11.51 4.61
N CYS B 268 24.05 -11.53 5.93
CA CYS B 268 24.23 -10.35 6.75
C CYS B 268 25.55 -10.46 7.47
N ARG B 269 26.29 -9.36 7.54
CA ARG B 269 27.59 -9.35 8.19
C ARG B 269 27.63 -8.26 9.23
N LEU B 270 28.24 -8.58 10.38
CA LEU B 270 28.40 -7.63 11.47
C LEU B 270 29.84 -7.14 11.47
N PHE B 271 30.02 -5.84 11.21
CA PHE B 271 31.33 -5.21 11.21
C PHE B 271 31.47 -4.33 12.45
N ASP B 272 32.63 -4.40 13.08
CA ASP B 272 32.93 -3.58 14.24
C ASP B 272 33.73 -2.36 13.81
N LEU B 273 33.30 -1.19 14.27
CA LEU B 273 34.02 0.04 13.92
C LEU B 273 35.41 0.05 14.51
N ARG B 274 35.56 -0.33 15.78
CA ARG B 274 36.86 -0.28 16.43
C ARG B 274 37.77 -1.41 15.94
N ALA B 275 37.23 -2.62 15.81
CA ALA B 275 38.03 -3.72 15.28
C ALA B 275 38.27 -3.58 13.79
N ASP B 276 37.48 -2.77 13.10
CA ASP B 276 37.62 -2.52 11.67
C ASP B 276 37.55 -3.83 10.87
N GLN B 277 36.70 -4.74 11.31
CA GLN B 277 36.65 -6.07 10.72
C GLN B 277 35.25 -6.63 10.83
N GLU B 278 34.93 -7.56 9.94
CA GLU B 278 33.69 -8.30 10.04
C GLU B 278 33.76 -9.32 11.16
N LEU B 279 32.79 -9.28 12.07
CA LEU B 279 32.79 -10.16 13.23
C LEU B 279 31.95 -11.41 13.03
N MET B 280 30.77 -11.28 12.44
CA MET B 280 29.84 -12.39 12.34
C MET B 280 29.20 -12.36 10.96
N THR B 281 28.83 -13.54 10.46
CA THR B 281 28.14 -13.71 9.20
C THR B 281 26.82 -14.42 9.44
N TYR B 282 25.73 -13.83 8.97
CA TYR B 282 24.39 -14.34 9.22
C TYR B 282 23.83 -14.88 7.89
N SER B 283 24.13 -16.14 7.61
CA SER B 283 23.69 -16.79 6.39
C SER B 283 23.28 -18.21 6.69
N HIS B 284 22.24 -18.68 6.00
CA HIS B 284 21.80 -20.06 6.10
C HIS B 284 21.69 -20.64 4.69
N ASP B 285 21.85 -21.96 4.60
CA ASP B 285 21.95 -22.61 3.30
C ASP B 285 20.68 -22.44 2.48
N ASN B 286 19.51 -22.57 3.10
CA ASN B 286 18.27 -22.48 2.35
C ASN B 286 17.92 -21.05 1.96
N ILE B 287 18.68 -20.07 2.43
CA ILE B 287 18.45 -18.67 2.07
C ILE B 287 19.33 -18.33 0.88
N ILE B 288 18.70 -17.98 -0.23
CA ILE B 288 19.42 -17.56 -1.43
C ILE B 288 19.02 -16.17 -1.90
N CYS B 289 17.87 -15.66 -1.49
CA CYS B 289 17.41 -14.35 -1.92
C CYS B 289 18.14 -13.24 -1.18
N GLY B 290 18.11 -12.05 -1.76
CA GLY B 290 18.77 -10.91 -1.15
C GLY B 290 18.05 -10.41 0.07
N ILE B 291 18.73 -9.51 0.78
CA ILE B 291 18.22 -8.91 2.01
C ILE B 291 17.88 -7.46 1.71
N THR B 292 16.65 -7.07 2.05
CA THR B 292 16.19 -5.72 1.77
C THR B 292 16.34 -4.78 2.95
N SER B 293 16.29 -5.30 4.17
CA SER B 293 16.31 -4.46 5.36
C SER B 293 16.91 -5.24 6.52
N VAL B 294 17.69 -4.55 7.34
CA VAL B 294 18.21 -5.10 8.58
C VAL B 294 17.92 -4.12 9.71
N SER B 295 17.76 -4.66 10.92
CA SER B 295 17.62 -3.83 12.11
C SER B 295 17.94 -4.69 13.32
N PHE B 296 18.29 -4.03 14.41
CA PHE B 296 18.63 -4.68 15.66
C PHE B 296 17.51 -4.49 16.67
N SER B 297 17.52 -5.34 17.70
CA SER B 297 16.66 -5.12 18.85
C SER B 297 17.23 -4.00 19.71
N LYS B 298 16.50 -3.65 20.77
CA LYS B 298 16.97 -2.58 21.66
C LYS B 298 18.29 -2.97 22.32
N SER B 299 18.40 -4.20 22.80
CA SER B 299 19.67 -4.68 23.34
C SER B 299 20.66 -5.04 22.24
N GLY B 300 20.18 -5.29 21.02
CA GLY B 300 21.02 -5.59 19.90
C GLY B 300 21.41 -7.03 19.72
N ARG B 301 20.92 -7.94 20.57
CA ARG B 301 21.27 -9.34 20.39
C ARG B 301 20.51 -9.98 19.24
N LEU B 302 19.40 -9.39 18.81
CA LEU B 302 18.65 -9.90 17.68
C LEU B 302 18.89 -9.01 16.47
N LEU B 303 19.25 -9.63 15.35
CA LEU B 303 19.38 -8.93 14.08
C LEU B 303 18.20 -9.38 13.22
N LEU B 304 17.29 -8.45 12.95
CA LEU B 304 16.09 -8.75 12.19
C LEU B 304 16.32 -8.31 10.74
N ALA B 305 16.47 -9.28 9.84
CA ALA B 305 16.73 -9.02 8.44
C ALA B 305 15.52 -9.42 7.62
N GLY B 306 15.10 -8.53 6.72
CA GLY B 306 14.01 -8.80 5.81
C GLY B 306 14.56 -9.29 4.47
N TYR B 307 14.03 -10.40 4.01
CA TYR B 307 14.54 -11.09 2.83
C TYR B 307 13.54 -10.98 1.68
N ASP B 308 14.00 -11.36 0.49
CA ASP B 308 13.15 -11.37 -0.69
C ASP B 308 12.25 -12.60 -0.75
N ASP B 309 12.49 -13.60 0.10
CA ASP B 309 11.65 -14.78 0.19
C ASP B 309 10.39 -14.54 1.02
N PHE B 310 10.03 -13.27 1.18
CA PHE B 310 8.78 -12.75 1.72
C PHE B 310 8.72 -12.76 3.24
N ASN B 311 9.77 -13.15 3.94
CA ASN B 311 9.71 -13.21 5.39
C ASN B 311 10.94 -12.56 6.01
N CYS B 312 10.80 -12.15 7.25
CA CYS B 312 11.88 -11.57 8.05
C CYS B 312 12.45 -12.65 8.96
N ASN B 313 13.76 -12.83 8.92
CA ASN B 313 14.43 -13.83 9.75
C ASN B 313 15.15 -13.11 10.89
N VAL B 314 14.88 -13.55 12.11
CA VAL B 314 15.51 -13.01 13.29
C VAL B 314 16.75 -13.83 13.61
N TRP B 315 17.89 -13.17 13.74
CA TRP B 315 19.16 -13.82 13.97
C TRP B 315 19.69 -13.45 15.35
N ASP B 316 20.20 -14.45 16.06
CA ASP B 316 20.97 -14.19 17.27
C ASP B 316 22.26 -13.50 16.86
N ALA B 317 22.36 -12.20 17.14
CA ALA B 317 23.50 -11.42 16.65
C ALA B 317 24.82 -11.89 17.24
N LEU B 318 24.80 -12.55 18.39
CA LEU B 318 26.03 -13.04 19.00
C LEU B 318 26.35 -14.49 18.61
N LYS B 319 25.44 -15.19 17.95
CA LYS B 319 25.68 -16.57 17.58
C LYS B 319 25.27 -16.92 16.15
N ALA B 320 24.73 -15.96 15.39
CA ALA B 320 24.36 -16.16 13.98
C ALA B 320 23.41 -17.34 13.79
N ASP B 321 22.48 -17.53 14.73
CA ASP B 321 21.49 -18.58 14.66
C ASP B 321 20.12 -17.96 14.44
N ARG B 322 19.34 -18.55 13.54
CA ARG B 322 18.01 -18.01 13.24
C ARG B 322 17.11 -18.24 14.45
N ALA B 323 16.94 -17.21 15.25
CA ALA B 323 16.07 -17.31 16.41
C ALA B 323 14.62 -17.52 15.99
N GLY B 324 14.18 -16.87 14.93
CA GLY B 324 12.82 -17.02 14.47
C GLY B 324 12.65 -16.52 13.06
N VAL B 325 11.43 -16.70 12.55
CA VAL B 325 11.06 -16.29 11.20
C VAL B 325 9.76 -15.49 11.30
N LEU B 326 9.74 -14.32 10.68
CA LEU B 326 8.54 -13.49 10.66
C LEU B 326 7.77 -13.69 9.35
N ALA B 327 7.31 -14.91 9.15
CA ALA B 327 6.43 -15.19 8.03
C ALA B 327 5.10 -14.48 8.24
N GLY B 328 4.48 -14.03 7.16
CA GLY B 328 3.29 -13.22 7.29
C GLY B 328 3.12 -12.17 6.22
N HIS B 329 4.12 -12.03 5.35
CA HIS B 329 4.04 -11.14 4.21
C HIS B 329 3.96 -11.95 2.93
N ASP B 330 3.14 -11.49 2.00
CA ASP B 330 2.88 -12.19 0.75
C ASP B 330 3.72 -11.67 -0.41
N ASN B 331 4.69 -10.81 -0.12
CA ASN B 331 5.64 -10.35 -1.12
C ASN B 331 6.94 -10.01 -0.43
N ARG B 332 7.89 -9.51 -1.21
CA ARG B 332 9.21 -9.17 -0.69
C ARG B 332 9.09 -8.19 0.47
N VAL B 333 9.71 -8.54 1.59
CA VAL B 333 9.74 -7.64 2.75
C VAL B 333 10.78 -6.57 2.45
N SER B 334 10.32 -5.37 2.12
CA SER B 334 11.20 -4.33 1.63
C SER B 334 11.82 -3.50 2.75
N CYS B 335 11.07 -3.26 3.82
CA CYS B 335 11.51 -2.41 4.91
C CYS B 335 11.09 -3.02 6.23
N LEU B 336 11.88 -2.75 7.26
CA LEU B 336 11.50 -3.13 8.62
C LEU B 336 12.20 -2.21 9.60
N GLY B 337 11.58 -2.03 10.76
CA GLY B 337 12.14 -1.17 11.78
C GLY B 337 11.77 -1.67 13.15
N VAL B 338 12.61 -1.32 14.12
CA VAL B 338 12.37 -1.63 15.53
C VAL B 338 12.15 -0.31 16.26
N THR B 339 11.17 -0.29 17.15
CA THR B 339 10.88 0.90 17.93
C THR B 339 12.04 1.22 18.87
N ASP B 340 12.18 2.51 19.20
CA ASP B 340 13.24 2.91 20.12
C ASP B 340 13.06 2.30 21.50
N ASP B 341 11.82 2.04 21.92
CA ASP B 341 11.63 1.30 23.16
C ASP B 341 11.72 -0.21 22.95
N GLY B 342 11.96 -0.65 21.71
CA GLY B 342 12.18 -2.05 21.43
C GLY B 342 10.95 -2.92 21.58
N MET B 343 9.77 -2.33 21.79
CA MET B 343 8.60 -3.15 22.05
C MET B 343 8.17 -3.93 20.82
N ALA B 344 8.26 -3.31 19.64
CA ALA B 344 7.66 -3.88 18.45
C ALA B 344 8.61 -3.79 17.27
N VAL B 345 8.40 -4.69 16.31
CA VAL B 345 9.02 -4.62 15.00
C VAL B 345 7.91 -4.45 13.98
N ALA B 346 8.05 -3.46 13.12
CA ALA B 346 7.16 -3.29 11.98
C ALA B 346 7.91 -3.66 10.73
N THR B 347 7.33 -4.54 9.92
CA THR B 347 7.91 -4.94 8.64
C THR B 347 6.97 -4.48 7.53
N GLY B 348 7.48 -3.62 6.66
CA GLY B 348 6.81 -3.36 5.41
C GLY B 348 7.19 -4.38 4.37
N SER B 349 6.45 -4.38 3.28
CA SER B 349 6.74 -5.34 2.22
C SER B 349 6.11 -4.87 0.93
N TRP B 350 6.41 -5.60 -0.14
CA TRP B 350 5.88 -5.30 -1.46
C TRP B 350 4.42 -5.69 -1.61
N ASP B 351 3.85 -6.41 -0.63
CA ASP B 351 2.45 -6.78 -0.67
C ASP B 351 1.53 -5.66 -0.18
N SER B 352 2.07 -4.46 0.03
CA SER B 352 1.33 -3.26 0.40
C SER B 352 0.83 -3.28 1.84
N PHE B 353 1.42 -4.11 2.70
CA PHE B 353 0.95 -4.24 4.07
C PHE B 353 2.09 -4.02 5.04
N LEU B 354 1.80 -3.29 6.11
CA LEU B 354 2.72 -3.09 7.21
C LEU B 354 2.22 -3.93 8.38
N LYS B 355 3.11 -4.73 8.97
CA LYS B 355 2.75 -5.59 10.08
C LYS B 355 3.63 -5.26 11.28
N ILE B 356 3.00 -4.98 12.42
CA ILE B 356 3.72 -4.79 13.67
C ILE B 356 3.76 -6.12 14.40
N TRP B 357 4.97 -6.53 14.80
CA TRP B 357 5.20 -7.81 15.44
C TRP B 357 5.71 -7.59 16.85
N ASN B 358 5.44 -8.56 17.72
CA ASN B 358 5.78 -8.42 19.12
C ASN B 358 5.71 -9.77 19.83
N SER C 8 44.13 8.34 -14.61
CA SER C 8 43.81 9.57 -13.88
C SER C 8 44.70 9.73 -12.65
N ILE C 9 45.52 10.78 -12.64
CA ILE C 9 46.40 11.02 -11.50
C ILE C 9 45.60 11.46 -10.28
N ALA C 10 44.59 12.30 -10.50
CA ALA C 10 43.81 12.84 -9.38
C ALA C 10 43.05 11.72 -8.65
N GLN C 11 42.37 10.87 -9.40
CA GLN C 11 41.65 9.77 -8.78
C GLN C 11 42.59 8.81 -8.07
N ALA C 12 43.74 8.52 -8.69
CA ALA C 12 44.70 7.61 -8.07
C ALA C 12 45.24 8.17 -6.76
N ARG C 13 45.60 9.45 -6.75
CA ARG C 13 46.13 10.03 -5.53
C ARG C 13 45.06 10.17 -4.46
N LYS C 14 43.80 10.45 -4.86
CA LYS C 14 42.72 10.48 -3.87
C LYS C 14 42.50 9.11 -3.27
N LEU C 15 42.55 8.06 -4.08
CA LEU C 15 42.41 6.69 -3.55
C LEU C 15 43.56 6.37 -2.61
N VAL C 16 44.78 6.75 -2.97
CA VAL C 16 45.94 6.47 -2.12
C VAL C 16 45.82 7.22 -0.79
N GLU C 17 45.41 8.48 -0.83
CA GLU C 17 45.24 9.24 0.41
C GLU C 17 44.12 8.67 1.27
N GLN C 18 43.03 8.23 0.65
CA GLN C 18 41.94 7.62 1.40
C GLN C 18 42.39 6.33 2.06
N LEU C 19 43.18 5.51 1.35
CA LEU C 19 43.70 4.29 1.94
C LEU C 19 44.70 4.58 3.04
N LYS C 20 45.47 5.66 2.91
CA LYS C 20 46.35 6.08 4.00
C LYS C 20 45.54 6.48 5.23
N MET C 21 44.42 7.18 5.03
CA MET C 21 43.54 7.51 6.15
C MET C 21 42.95 6.24 6.76
N GLU C 22 42.63 5.26 5.92
CA GLU C 22 42.19 3.96 6.44
C GLU C 22 43.26 3.31 7.29
N ALA C 23 44.52 3.40 6.86
CA ALA C 23 45.61 2.78 7.59
C ALA C 23 45.80 3.40 8.97
N ASN C 24 45.67 4.72 9.07
CA ASN C 24 45.86 5.43 10.34
C ASN C 24 44.62 5.25 11.22
N ILE C 25 44.33 3.98 11.53
CA ILE C 25 43.21 3.60 12.39
C ILE C 25 43.74 2.67 13.46
N ASP C 26 43.47 2.99 14.72
CA ASP C 26 43.92 2.18 15.84
C ASP C 26 42.90 1.05 16.03
N ARG C 27 43.24 -0.13 15.51
CA ARG C 27 42.31 -1.26 15.52
C ARG C 27 42.48 -2.05 16.81
N ILE C 28 41.44 -2.06 17.64
CA ILE C 28 41.43 -2.90 18.84
C ILE C 28 41.27 -4.35 18.43
N LYS C 29 41.54 -5.26 19.34
CA LYS C 29 41.42 -6.67 19.04
C LYS C 29 39.96 -7.05 18.85
N VAL C 30 39.72 -8.01 17.94
CA VAL C 30 38.35 -8.43 17.68
C VAL C 30 37.78 -9.19 18.86
N SER C 31 38.62 -9.81 19.68
CA SER C 31 38.12 -10.43 20.91
C SER C 31 37.58 -9.37 21.86
N LYS C 32 38.27 -8.24 21.99
CA LYS C 32 37.76 -7.15 22.81
C LYS C 32 36.47 -6.58 22.23
N ALA C 33 36.40 -6.45 20.90
CA ALA C 33 35.19 -5.95 20.27
C ALA C 33 34.01 -6.87 20.52
N ALA C 34 34.22 -8.18 20.38
CA ALA C 34 33.14 -9.12 20.63
C ALA C 34 32.76 -9.16 22.10
N ALA C 35 33.74 -8.97 22.99
CA ALA C 35 33.44 -8.87 24.42
C ALA C 35 32.57 -7.65 24.70
N ASP C 36 32.89 -6.52 24.07
CA ASP C 36 32.07 -5.32 24.26
C ASP C 36 30.66 -5.51 23.73
N LEU C 37 30.53 -6.15 22.57
CA LEU C 37 29.20 -6.40 22.02
C LEU C 37 28.39 -7.33 22.91
N MET C 38 29.01 -8.41 23.39
CA MET C 38 28.32 -9.33 24.28
C MET C 38 27.95 -8.66 25.59
N ALA C 39 28.84 -7.82 26.12
CA ALA C 39 28.56 -7.10 27.35
C ALA C 39 27.39 -6.14 27.18
N TYR C 40 27.33 -5.44 26.05
CA TYR C 40 26.18 -4.55 25.80
C TYR C 40 24.90 -5.37 25.66
N CYS C 41 24.98 -6.52 25.00
CA CYS C 41 23.78 -7.34 24.84
C CYS C 41 23.28 -7.86 26.17
N GLU C 42 24.19 -8.27 27.05
CA GLU C 42 23.78 -8.83 28.34
C GLU C 42 23.34 -7.74 29.32
N ALA C 43 23.99 -6.59 29.29
CA ALA C 43 23.62 -5.49 30.17
C ALA C 43 22.31 -4.84 29.78
N HIS C 44 21.77 -5.17 28.60
CA HIS C 44 20.52 -4.60 28.13
C HIS C 44 19.52 -5.67 27.75
N ALA C 45 19.80 -6.94 28.07
CA ALA C 45 18.88 -8.02 27.71
C ALA C 45 17.53 -7.84 28.38
N LYS C 46 17.52 -7.40 29.63
CA LYS C 46 16.25 -7.14 30.32
C LYS C 46 15.47 -6.02 29.62
N GLU C 47 16.17 -5.00 29.15
CA GLU C 47 15.55 -3.94 28.36
C GLU C 47 15.48 -4.31 26.89
N ASP C 48 14.98 -5.52 26.60
CA ASP C 48 14.79 -5.98 25.23
C ASP C 48 13.45 -6.69 25.15
N PRO C 49 12.38 -5.97 24.84
CA PRO C 49 11.05 -6.59 24.76
C PRO C 49 10.95 -7.66 23.70
N LEU C 50 11.74 -7.56 22.62
CA LEU C 50 11.65 -8.56 21.56
C LEU C 50 12.34 -9.85 21.97
N LEU C 51 13.48 -9.75 22.64
CA LEU C 51 14.22 -10.93 23.06
C LEU C 51 13.56 -11.59 24.27
N THR C 52 13.08 -10.77 25.20
CA THR C 52 12.40 -11.24 26.41
C THR C 52 11.00 -10.63 26.37
N PRO C 53 10.02 -11.34 25.81
CA PRO C 53 8.70 -10.74 25.61
C PRO C 53 8.10 -10.24 26.90
N VAL C 54 7.57 -9.01 26.85
CA VAL C 54 6.92 -8.38 27.99
C VAL C 54 5.59 -9.08 28.24
N PRO C 55 5.04 -9.03 29.45
CA PRO C 55 3.71 -9.61 29.66
C PRO C 55 2.66 -8.84 28.87
N ALA C 56 1.51 -9.49 28.67
CA ALA C 56 0.44 -8.89 27.89
C ALA C 56 -0.05 -7.58 28.48
N SER C 57 0.18 -7.35 29.77
CA SER C 57 -0.21 -6.09 30.39
C SER C 57 0.70 -4.95 29.94
N GLU C 58 2.00 -5.23 29.82
CA GLU C 58 2.96 -4.21 29.44
C GLU C 58 3.09 -4.05 27.92
N ASN C 59 2.39 -4.87 27.14
CA ASN C 59 2.50 -4.83 25.70
C ASN C 59 1.49 -3.83 25.14
N PRO C 60 1.92 -2.74 24.50
CA PRO C 60 0.98 -1.80 23.91
C PRO C 60 0.33 -2.32 22.64
N PHE C 61 0.83 -3.42 22.09
CA PHE C 61 0.26 -4.05 20.91
C PHE C 61 -0.34 -5.38 21.36
N ARG C 62 -1.59 -5.34 21.80
CA ARG C 62 -2.25 -6.52 22.32
C ARG C 62 -3.75 -6.48 22.03
N VAL D 2 -3.53 32.06 10.13
CA VAL D 2 -4.78 31.39 10.43
C VAL D 2 -5.78 32.38 10.98
N GLN D 3 -6.97 32.41 10.38
CA GLN D 3 -8.01 33.35 10.77
C GLN D 3 -9.33 32.61 10.89
N LEU D 4 -10.19 33.09 11.79
CA LEU D 4 -11.56 32.64 11.92
C LEU D 4 -12.39 33.86 12.26
N VAL D 5 -13.17 34.35 11.29
CA VAL D 5 -13.95 35.56 11.46
C VAL D 5 -15.42 35.17 11.55
N GLU D 6 -15.95 35.13 12.77
CA GLU D 6 -17.37 34.91 12.95
C GLU D 6 -18.15 36.11 12.42
N SER D 7 -19.33 35.84 11.86
CA SER D 7 -20.24 36.88 11.40
C SER D 7 -21.64 36.57 11.88
N GLY D 8 -22.46 37.61 12.02
CA GLY D 8 -23.80 37.51 12.55
C GLY D 8 -23.96 38.34 13.81
N GLY D 9 -24.77 37.83 14.74
CA GLY D 9 -24.98 38.53 15.99
C GLY D 9 -25.97 39.67 15.84
N GLY D 10 -25.94 40.56 16.83
CA GLY D 10 -26.89 41.66 16.89
C GLY D 10 -28.14 41.30 17.64
N LEU D 11 -29.02 42.29 17.78
CA LEU D 11 -30.26 42.10 18.50
C LEU D 11 -31.18 41.15 17.74
N VAL D 12 -31.76 40.19 18.44
CA VAL D 12 -32.74 39.27 17.88
C VAL D 12 -33.87 39.10 18.89
N GLN D 13 -35.10 39.25 18.42
CA GLN D 13 -36.25 39.11 19.30
C GLN D 13 -36.34 37.68 19.84
N PRO D 14 -36.80 37.50 21.07
CA PRO D 14 -36.89 36.15 21.63
C PRO D 14 -37.82 35.27 20.80
N GLY D 15 -37.43 34.01 20.65
CA GLY D 15 -38.14 33.09 19.81
C GLY D 15 -37.82 33.21 18.33
N GLY D 16 -36.96 34.15 17.94
CA GLY D 16 -36.62 34.35 16.56
C GLY D 16 -35.55 33.39 16.08
N SER D 17 -35.00 33.70 14.92
CA SER D 17 -33.99 32.87 14.28
C SER D 17 -32.85 33.73 13.76
N ARG D 18 -31.67 33.13 13.68
CA ARG D 18 -30.48 33.84 13.22
C ARG D 18 -29.45 32.82 12.79
N LYS D 19 -28.69 33.13 11.75
CA LYS D 19 -27.63 32.27 11.24
C LYS D 19 -26.28 32.89 11.59
N LEU D 20 -25.42 32.10 12.23
CA LEU D 20 -24.07 32.52 12.57
C LEU D 20 -23.10 31.86 11.61
N SER D 21 -22.25 32.66 10.97
CA SER D 21 -21.25 32.17 10.04
C SER D 21 -19.87 32.59 10.50
N CYS D 22 -18.91 31.68 10.37
CA CYS D 22 -17.51 31.98 10.64
C CYS D 22 -16.70 31.68 9.40
N SER D 23 -16.11 32.71 8.80
CA SER D 23 -15.32 32.57 7.57
C SER D 23 -13.90 32.18 7.95
N ALA D 24 -13.58 30.90 7.79
CA ALA D 24 -12.21 30.44 8.03
C ALA D 24 -11.29 30.94 6.92
N SER D 25 -10.05 31.22 7.30
CA SER D 25 -9.06 31.68 6.34
C SER D 25 -7.68 31.26 6.81
N GLY D 26 -6.83 30.90 5.85
CA GLY D 26 -5.45 30.63 6.16
C GLY D 26 -5.15 29.30 6.80
N PHE D 27 -6.04 28.32 6.69
CA PHE D 27 -5.74 26.99 7.15
C PHE D 27 -6.65 25.99 6.45
N ALA D 28 -6.28 24.72 6.55
CA ALA D 28 -7.00 23.62 5.89
C ALA D 28 -8.30 23.36 6.64
N PHE D 29 -9.28 24.24 6.42
CA PHE D 29 -10.51 24.23 7.19
C PHE D 29 -11.23 22.89 7.09
N SER D 30 -11.15 22.23 5.94
CA SER D 30 -11.89 20.99 5.75
C SER D 30 -11.36 19.84 6.60
N SER D 31 -10.11 19.91 7.04
CA SER D 31 -9.52 18.85 7.86
C SER D 31 -9.66 19.10 9.36
N PHE D 32 -10.33 20.17 9.75
CA PHE D 32 -10.50 20.54 11.15
C PHE D 32 -11.93 20.29 11.58
N GLY D 33 -12.11 19.61 12.72
CA GLY D 33 -13.39 19.67 13.40
C GLY D 33 -13.60 21.07 13.95
N MET D 34 -14.81 21.56 13.84
CA MET D 34 -15.08 22.95 14.17
C MET D 34 -16.17 23.01 15.24
N HIS D 35 -15.98 23.92 16.19
CA HIS D 35 -16.90 24.06 17.31
C HIS D 35 -17.50 25.45 17.33
N TRP D 36 -18.60 25.57 18.07
CA TRP D 36 -19.12 26.86 18.52
C TRP D 36 -19.07 26.83 20.04
N VAL D 37 -18.40 27.81 20.62
CA VAL D 37 -18.34 27.97 22.07
C VAL D 37 -18.83 29.36 22.40
N ARG D 38 -19.85 29.45 23.25
CA ARG D 38 -20.41 30.74 23.60
C ARG D 38 -20.01 31.12 25.02
N GLN D 39 -20.17 32.40 25.32
CA GLN D 39 -19.78 32.94 26.61
C GLN D 39 -20.68 34.13 26.90
N ALA D 40 -21.55 33.99 27.90
CA ALA D 40 -22.51 35.03 28.22
C ALA D 40 -21.77 36.29 28.65
N PRO D 41 -22.39 37.48 28.48
CA PRO D 41 -21.68 38.75 28.70
C PRO D 41 -20.89 38.85 30.00
N GLU D 42 -21.20 38.02 30.99
CA GLU D 42 -20.43 38.02 32.23
C GLU D 42 -20.15 36.62 32.75
N LYS D 43 -20.51 35.58 32.02
CA LYS D 43 -20.31 34.21 32.47
C LYS D 43 -19.09 33.61 31.78
N GLY D 44 -18.86 32.31 32.02
CA GLY D 44 -17.73 31.62 31.45
C GLY D 44 -18.03 31.03 30.09
N LEU D 45 -17.11 30.19 29.63
CA LEU D 45 -17.26 29.54 28.33
C LEU D 45 -18.23 28.37 28.42
N GLU D 46 -18.93 28.13 27.32
CA GLU D 46 -19.88 27.02 27.25
C GLU D 46 -19.92 26.51 25.82
N TRP D 47 -19.51 25.26 25.62
CA TRP D 47 -19.45 24.70 24.28
C TRP D 47 -20.86 24.50 23.73
N VAL D 48 -21.08 24.91 22.49
CA VAL D 48 -22.41 24.91 21.90
C VAL D 48 -22.61 23.68 21.02
N ALA D 49 -21.79 23.55 19.97
CA ALA D 49 -21.97 22.49 19.00
C ALA D 49 -20.62 22.12 18.39
N TYR D 50 -20.57 20.93 17.81
CA TYR D 50 -19.36 20.43 17.17
C TYR D 50 -19.73 19.72 15.88
N ILE D 51 -19.18 20.18 14.76
CA ILE D 51 -19.27 19.44 13.51
C ILE D 51 -17.86 18.98 13.14
N SER D 52 -17.71 17.69 12.90
CA SER D 52 -16.40 17.11 12.67
C SER D 52 -15.89 17.52 11.28
N SER D 53 -14.69 17.05 10.95
CA SER D 53 -14.14 17.28 9.63
C SER D 53 -14.90 16.43 8.62
N GLY D 54 -15.47 17.08 7.60
CA GLY D 54 -16.30 16.39 6.65
C GLY D 54 -17.74 16.19 7.09
N SER D 55 -18.18 16.90 8.13
CA SER D 55 -19.57 16.91 8.60
C SER D 55 -20.04 15.54 9.04
N GLY D 56 -19.12 14.60 9.28
CA GLY D 56 -19.51 13.25 9.61
C GLY D 56 -20.22 13.13 10.95
N THR D 57 -19.71 13.81 11.97
CA THR D 57 -20.19 13.69 13.33
C THR D 57 -20.54 15.06 13.88
N ILE D 58 -21.75 15.20 14.41
CA ILE D 58 -22.24 16.47 14.93
C ILE D 58 -22.77 16.25 16.34
N TYR D 59 -22.40 17.14 17.26
CA TYR D 59 -22.88 17.14 18.62
C TYR D 59 -23.44 18.51 18.97
N TYR D 60 -24.37 18.56 19.90
CA TYR D 60 -24.91 19.80 20.42
C TYR D 60 -24.97 19.75 21.93
N ALA D 61 -24.88 20.92 22.54
CA ALA D 61 -25.21 21.04 23.95
C ALA D 61 -26.70 20.79 24.14
N ASP D 62 -27.07 20.19 25.28
CA ASP D 62 -28.47 19.87 25.50
C ASP D 62 -29.35 21.11 25.60
N THR D 63 -28.75 22.27 25.87
CA THR D 63 -29.51 23.51 25.96
C THR D 63 -29.73 24.18 24.62
N VAL D 64 -29.20 23.63 23.54
CA VAL D 64 -29.36 24.22 22.22
C VAL D 64 -29.79 23.15 21.22
N LYS D 65 -29.68 21.89 21.62
CA LYS D 65 -30.01 20.79 20.72
C LYS D 65 -31.45 20.90 20.23
N GLY D 66 -31.64 20.74 18.94
CA GLY D 66 -32.94 20.96 18.32
C GLY D 66 -33.15 22.38 17.85
N ARG D 67 -32.86 23.35 18.72
CA ARG D 67 -32.96 24.75 18.32
C ARG D 67 -31.80 25.16 17.42
N PHE D 68 -30.63 24.55 17.59
CA PHE D 68 -29.42 24.93 16.89
C PHE D 68 -29.03 23.83 15.90
N THR D 69 -28.47 24.26 14.77
CA THR D 69 -27.93 23.33 13.78
C THR D 69 -26.62 23.88 13.26
N ILE D 70 -25.54 23.13 13.43
CA ILE D 70 -24.22 23.52 12.98
C ILE D 70 -23.93 22.86 11.64
N SER D 71 -23.40 23.64 10.72
CA SER D 71 -23.05 23.15 9.39
C SER D 71 -21.77 23.84 8.93
N ARG D 72 -21.09 23.21 7.99
CA ARG D 72 -19.86 23.76 7.43
C ARG D 72 -19.94 23.73 5.91
N ASP D 73 -19.40 24.77 5.29
CA ASP D 73 -19.31 24.88 3.83
C ASP D 73 -17.84 24.79 3.47
N ASP D 74 -17.35 23.55 3.28
CA ASP D 74 -15.92 23.34 3.06
C ASP D 74 -15.40 24.06 1.81
N PRO D 75 -16.06 24.00 0.64
CA PRO D 75 -15.53 24.75 -0.51
C PRO D 75 -15.43 26.24 -0.25
N LYS D 76 -16.37 26.81 0.50
CA LYS D 76 -16.34 28.23 0.83
C LYS D 76 -15.68 28.52 2.17
N ASN D 77 -15.23 27.48 2.89
CA ASN D 77 -14.52 27.62 4.17
C ASN D 77 -15.33 28.44 5.17
N THR D 78 -16.61 28.10 5.29
CA THR D 78 -17.50 28.79 6.22
C THR D 78 -18.14 27.76 7.15
N LEU D 79 -18.19 28.10 8.44
CA LEU D 79 -18.87 27.29 9.44
C LEU D 79 -20.14 28.02 9.86
N PHE D 80 -21.24 27.30 9.93
CA PHE D 80 -22.54 27.90 10.17
C PHE D 80 -23.14 27.42 11.49
N LEU D 81 -23.90 28.30 12.11
CA LEU D 81 -24.76 27.96 13.24
C LEU D 81 -26.14 28.54 12.95
N GLN D 82 -27.09 27.65 12.63
CA GLN D 82 -28.47 28.08 12.42
C GLN D 82 -29.19 28.03 13.76
N MET D 83 -29.60 29.19 14.25
CA MET D 83 -30.22 29.31 15.56
C MET D 83 -31.70 29.57 15.38
N THR D 84 -32.53 28.81 16.11
CA THR D 84 -33.97 28.96 16.07
C THR D 84 -34.51 29.02 17.49
N SER D 85 -35.60 29.77 17.67
CA SER D 85 -36.22 29.97 18.97
C SER D 85 -35.20 30.51 19.98
N LEU D 86 -34.64 31.67 19.65
CA LEU D 86 -33.55 32.24 20.41
C LEU D 86 -34.05 32.75 21.75
N ARG D 87 -33.78 31.98 22.80
CA ARG D 87 -34.18 32.33 24.15
C ARG D 87 -33.26 33.40 24.73
N SER D 88 -33.66 33.96 25.87
CA SER D 88 -32.87 35.01 26.50
C SER D 88 -31.50 34.52 26.92
N GLU D 89 -31.37 33.22 27.22
CA GLU D 89 -30.09 32.66 27.61
C GLU D 89 -29.19 32.36 26.41
N ASP D 90 -29.67 32.59 25.19
CA ASP D 90 -28.83 32.51 24.01
C ASP D 90 -28.10 33.82 23.73
N THR D 91 -28.03 34.70 24.73
CA THR D 91 -27.29 35.96 24.60
C THR D 91 -25.86 35.71 25.05
N ALA D 92 -24.95 35.59 24.08
CA ALA D 92 -23.56 35.31 24.40
C ALA D 92 -22.69 35.68 23.21
N MET D 93 -21.40 35.85 23.47
CA MET D 93 -20.41 35.93 22.41
C MET D 93 -20.12 34.52 21.93
N TYR D 94 -20.25 34.30 20.62
CA TYR D 94 -20.10 32.98 20.04
C TYR D 94 -18.75 32.89 19.34
N TYR D 95 -17.87 32.02 19.85
CA TYR D 95 -16.56 31.80 19.26
C TYR D 95 -16.56 30.51 18.46
N CYS D 96 -16.15 30.61 17.21
CA CYS D 96 -15.84 29.43 16.42
C CYS D 96 -14.42 28.98 16.73
N VAL D 97 -14.23 27.67 16.87
CA VAL D 97 -12.99 27.11 17.38
C VAL D 97 -12.49 26.05 16.40
N ARG D 98 -11.25 26.20 15.95
CA ARG D 98 -10.57 25.12 15.25
C ARG D 98 -10.39 23.95 16.19
N SER D 99 -10.38 22.75 15.62
CA SER D 99 -10.05 21.56 16.41
C SER D 99 -9.71 20.43 15.45
N ILE D 100 -8.54 19.84 15.61
CA ILE D 100 -8.09 18.75 14.76
C ILE D 100 -7.71 17.58 15.64
N TYR D 101 -8.13 16.38 15.25
CA TYR D 101 -7.97 15.18 16.08
C TYR D 101 -7.22 14.09 15.32
N TYR D 102 -5.95 13.94 15.67
CA TYR D 102 -5.16 12.77 15.35
C TYR D 102 -4.27 12.53 16.56
N TYR D 103 -3.47 11.48 16.52
CA TYR D 103 -2.62 11.18 17.67
C TYR D 103 -1.64 12.31 17.90
N GLY D 104 -1.75 12.95 19.05
CA GLY D 104 -0.87 14.05 19.40
C GLY D 104 -1.28 15.41 18.91
N SER D 105 -2.45 15.53 18.28
CA SER D 105 -2.89 16.81 17.78
C SER D 105 -3.20 17.76 18.93
N SER D 106 -3.54 19.00 18.59
CA SER D 106 -3.78 20.06 19.56
C SER D 106 -5.15 20.65 19.30
N PRO D 107 -6.21 20.00 19.79
CA PRO D 107 -7.55 20.55 19.61
C PRO D 107 -7.74 21.86 20.34
N PHE D 108 -8.65 22.67 19.81
CA PHE D 108 -9.03 23.95 20.41
C PHE D 108 -7.88 24.95 20.41
N ASP D 109 -6.96 24.79 19.46
CA ASP D 109 -5.75 25.60 19.46
C ASP D 109 -6.03 27.03 19.00
N PHE D 110 -6.92 27.21 18.03
CA PHE D 110 -7.24 28.54 17.53
C PHE D 110 -8.72 28.83 17.70
N TRP D 111 -9.02 30.05 18.11
CA TRP D 111 -10.38 30.53 18.31
C TRP D 111 -10.60 31.77 17.45
N GLY D 112 -11.82 31.95 17.00
CA GLY D 112 -12.17 33.14 16.25
C GLY D 112 -12.35 34.34 17.15
N GLN D 113 -12.65 35.48 16.53
CA GLN D 113 -12.83 36.71 17.30
C GLN D 113 -14.21 36.81 17.92
N GLY D 114 -15.17 36.01 17.45
CA GLY D 114 -16.48 35.95 18.07
C GLY D 114 -17.43 37.02 17.57
N THR D 115 -18.73 36.76 17.78
CA THR D 115 -19.79 37.72 17.54
C THR D 115 -20.72 37.77 18.73
N THR D 116 -21.06 38.99 19.15
CA THR D 116 -22.03 39.19 20.21
C THR D 116 -23.44 39.01 19.64
N LEU D 117 -24.12 37.97 20.09
CA LEU D 117 -25.54 37.78 19.79
C LEU D 117 -26.32 38.19 21.02
N THR D 118 -27.18 39.19 20.87
CA THR D 118 -28.02 39.68 21.95
C THR D 118 -29.47 39.32 21.66
N VAL D 119 -30.10 38.63 22.61
CA VAL D 119 -31.51 38.27 22.49
C VAL D 119 -32.30 39.25 23.35
N SER D 120 -33.18 40.01 22.71
CA SER D 120 -33.91 41.05 23.41
C SER D 120 -34.86 40.47 24.43
N SER D 121 -35.32 41.32 25.36
CA SER D 121 -36.23 40.92 26.41
C SER D 121 -37.58 40.48 25.83
N SER D 136 -25.71 13.95 33.41
CA SER D 136 -24.54 13.08 33.33
C SER D 136 -23.34 13.81 32.76
N ASP D 137 -23.54 15.08 32.42
CA ASP D 137 -22.43 15.91 31.94
C ASP D 137 -21.35 16.00 33.01
N ILE D 138 -20.09 15.89 32.59
CA ILE D 138 -18.98 16.03 33.51
C ILE D 138 -18.96 17.45 34.06
N VAL D 139 -18.93 17.58 35.38
CA VAL D 139 -18.99 18.86 36.05
C VAL D 139 -17.54 19.28 36.33
N MET D 140 -17.06 20.26 35.57
CA MET D 140 -15.74 20.82 35.78
C MET D 140 -15.88 22.03 36.70
N THR D 141 -15.22 21.98 37.86
CA THR D 141 -15.43 22.96 38.91
C THR D 141 -14.10 23.52 39.39
N GLN D 142 -13.54 24.46 38.65
CA GLN D 142 -12.42 25.23 39.17
C GLN D 142 -13.01 26.27 40.11
N ALA D 143 -12.94 25.98 41.42
CA ALA D 143 -13.75 26.68 42.40
C ALA D 143 -13.22 28.06 42.72
N THR D 144 -11.91 28.24 42.73
CA THR D 144 -11.35 29.56 42.98
C THR D 144 -11.68 30.51 41.84
N SER D 145 -11.66 31.80 42.14
CA SER D 145 -11.93 32.82 41.14
C SER D 145 -11.36 34.15 41.64
N SER D 146 -11.13 35.06 40.68
CA SER D 146 -10.68 36.41 40.98
C SER D 146 -9.40 36.41 41.82
N VAL D 147 -8.45 35.58 41.42
CA VAL D 147 -7.19 35.45 42.14
C VAL D 147 -6.32 36.66 41.87
N PRO D 148 -5.92 37.42 42.91
CA PRO D 148 -5.03 38.56 42.69
C PRO D 148 -3.56 38.17 42.76
N VAL D 149 -2.79 38.56 41.74
CA VAL D 149 -1.39 38.17 41.64
C VAL D 149 -0.55 39.38 41.24
N THR D 150 0.76 39.25 41.41
CA THR D 150 1.70 40.30 41.09
C THR D 150 2.72 39.80 40.07
N PRO D 151 3.19 40.67 39.17
CA PRO D 151 4.12 40.21 38.13
C PRO D 151 5.39 39.64 38.72
N GLY D 152 5.90 38.59 38.07
CA GLY D 152 7.07 37.88 38.54
C GLY D 152 6.79 36.78 39.54
N GLU D 153 5.55 36.64 40.00
CA GLU D 153 5.19 35.62 40.97
C GLU D 153 4.72 34.35 40.26
N SER D 154 4.77 33.24 41.00
CA SER D 154 4.33 31.94 40.51
C SER D 154 2.97 31.62 41.13
N VAL D 155 1.97 31.40 40.28
CA VAL D 155 0.62 31.10 40.73
C VAL D 155 0.19 29.76 40.12
N SER D 156 -0.49 28.96 40.93
CA SER D 156 -1.08 27.70 40.49
C SER D 156 -2.59 27.86 40.46
N ILE D 157 -3.21 27.42 39.37
CA ILE D 157 -4.65 27.53 39.18
C ILE D 157 -5.24 26.14 39.28
N SER D 158 -6.20 25.97 40.17
CA SER D 158 -6.76 24.66 40.46
C SER D 158 -7.90 24.33 39.51
N CYS D 159 -8.20 23.05 39.42
CA CYS D 159 -9.30 22.54 38.60
C CYS D 159 -9.66 21.17 39.12
N ARG D 160 -10.95 20.89 39.22
CA ARG D 160 -11.42 19.58 39.62
C ARG D 160 -12.48 19.10 38.65
N SER D 161 -12.58 17.79 38.49
CA SER D 161 -13.52 17.17 37.59
C SER D 161 -14.43 16.22 38.35
N SER D 162 -15.71 16.20 37.97
CA SER D 162 -16.65 15.27 38.58
C SER D 162 -16.25 13.82 38.30
N LYS D 163 -15.83 13.53 37.08
CA LYS D 163 -15.35 12.22 36.69
C LYS D 163 -13.87 12.30 36.34
N SER D 164 -13.18 11.17 36.47
CA SER D 164 -11.78 11.11 36.11
C SER D 164 -11.60 11.38 34.62
N LEU D 165 -10.92 12.47 34.29
CA LEU D 165 -10.65 12.80 32.89
C LEU D 165 -9.62 11.85 32.28
N LEU D 166 -8.81 11.20 33.10
CA LEU D 166 -7.87 10.21 32.60
C LEU D 166 -8.62 9.07 31.91
N HIS D 167 -8.17 8.73 30.71
CA HIS D 167 -8.73 7.64 29.94
C HIS D 167 -7.84 6.41 30.07
N SER D 168 -8.40 5.25 29.72
CA SER D 168 -7.64 4.01 29.79
C SER D 168 -6.45 4.01 28.83
N ASN D 169 -6.44 4.92 27.86
CA ASN D 169 -5.32 5.03 26.93
C ASN D 169 -4.12 5.76 27.51
N GLY D 170 -4.27 6.39 28.67
CA GLY D 170 -3.22 7.18 29.27
C GLY D 170 -3.38 8.68 29.09
N ASN D 171 -4.32 9.12 28.27
CA ASN D 171 -4.51 10.53 28.00
C ASN D 171 -5.54 11.12 28.97
N THR D 172 -5.22 12.28 29.52
CA THR D 172 -6.15 13.03 30.37
C THR D 172 -6.65 14.22 29.57
N TYR D 173 -7.95 14.28 29.34
CA TYR D 173 -8.53 15.24 28.40
C TYR D 173 -8.98 16.49 29.14
N LEU D 174 -8.00 17.20 29.66
CA LEU D 174 -8.21 18.48 30.31
C LEU D 174 -7.52 19.58 29.50
N TYR D 175 -8.27 20.64 29.20
CA TYR D 175 -7.75 21.76 28.43
C TYR D 175 -7.71 23.02 29.28
N TRP D 176 -6.74 23.88 28.99
CA TRP D 176 -6.58 25.15 29.67
C TRP D 176 -6.62 26.26 28.63
N PHE D 177 -7.42 27.28 28.88
CA PHE D 177 -7.58 28.40 27.97
C PHE D 177 -7.36 29.70 28.74
N LEU D 178 -7.02 30.75 28.00
CA LEU D 178 -6.75 32.05 28.58
C LEU D 178 -7.61 33.09 27.88
N GLN D 179 -8.73 33.45 28.51
CA GLN D 179 -9.57 34.58 28.11
C GLN D 179 -8.88 35.85 28.60
N ARG D 180 -8.07 36.44 27.73
CA ARG D 180 -7.50 37.74 28.08
C ARG D 180 -8.55 38.84 27.91
N PRO D 181 -8.44 39.93 28.67
CA PRO D 181 -9.46 40.98 28.61
C PRO D 181 -9.64 41.51 27.19
N GLY D 182 -10.87 41.38 26.68
CA GLY D 182 -11.17 41.83 25.35
C GLY D 182 -10.61 40.97 24.24
N GLN D 183 -10.13 39.77 24.56
CA GLN D 183 -9.51 38.89 23.58
C GLN D 183 -10.17 37.52 23.62
N SER D 184 -10.07 36.82 22.49
CA SER D 184 -10.62 35.48 22.38
C SER D 184 -9.83 34.51 23.25
N PRO D 185 -10.44 33.39 23.63
CA PRO D 185 -9.69 32.39 24.39
C PRO D 185 -8.54 31.84 23.58
N GLN D 186 -7.49 31.43 24.28
CA GLN D 186 -6.30 30.88 23.65
C GLN D 186 -5.90 29.63 24.39
N LEU D 187 -5.72 28.55 23.64
CA LEU D 187 -5.28 27.30 24.24
C LEU D 187 -3.91 27.47 24.88
N LEU D 188 -3.78 27.05 26.13
CA LEU D 188 -2.51 26.97 26.82
C LEU D 188 -2.01 25.55 26.95
N ILE D 189 -2.85 24.66 27.44
CA ILE D 189 -2.48 23.26 27.65
C ILE D 189 -3.60 22.42 27.08
N TYR D 190 -3.32 21.66 26.02
CA TYR D 190 -4.38 20.94 25.33
C TYR D 190 -4.76 19.62 26.01
N ARG D 191 -3.86 18.67 26.12
CA ARG D 191 -4.17 17.47 26.89
C ARG D 191 -3.29 17.49 28.12
N MET D 192 -3.92 17.38 29.30
CA MET D 192 -3.31 17.78 30.56
C MET D 192 -1.82 17.47 30.59
N SER D 193 -1.03 18.51 30.87
CA SER D 193 0.43 18.52 30.85
C SER D 193 1.02 18.61 29.45
N ASN D 194 0.26 19.04 28.44
CA ASN D 194 0.76 19.22 27.08
C ASN D 194 0.70 20.70 26.73
N LEU D 195 1.85 21.33 26.57
CA LEU D 195 1.90 22.77 26.32
C LEU D 195 1.60 23.07 24.87
N ALA D 196 0.74 24.07 24.64
CA ALA D 196 0.33 24.43 23.30
C ALA D 196 1.45 25.18 22.57
N SER D 197 1.30 25.28 21.24
CA SER D 197 2.30 25.93 20.43
C SER D 197 2.12 27.44 20.47
N GLY D 198 3.22 28.16 20.60
CA GLY D 198 3.20 29.60 20.76
C GLY D 198 2.96 30.05 22.19
N VAL D 199 2.74 29.13 23.11
CA VAL D 199 2.56 29.46 24.52
C VAL D 199 3.92 29.36 25.20
N PRO D 200 4.41 30.43 25.82
CA PRO D 200 5.73 30.37 26.45
C PRO D 200 5.77 29.31 27.55
N ASP D 201 6.91 28.64 27.66
CA ASP D 201 6.99 27.48 28.55
C ASP D 201 7.20 27.92 29.99
N ARG D 202 6.37 28.85 30.45
CA ARG D 202 6.22 29.14 31.87
C ARG D 202 4.94 28.52 32.44
N PHE D 203 3.96 28.26 31.59
CA PHE D 203 2.79 27.48 31.98
C PHE D 203 3.14 26.00 32.02
N SER D 204 2.61 25.31 33.02
CA SER D 204 2.80 23.88 33.14
C SER D 204 1.47 23.22 33.45
N GLY D 205 1.30 22.00 32.97
CA GLY D 205 0.11 21.21 33.23
C GLY D 205 0.44 20.08 34.19
N SER D 206 -0.36 19.98 35.24
CA SER D 206 -0.15 18.98 36.27
C SER D 206 -1.50 18.45 36.70
N GLY D 207 -1.51 17.72 37.81
CA GLY D 207 -2.72 17.10 38.30
C GLY D 207 -2.83 15.66 37.83
N SER D 208 -3.87 15.00 38.33
CA SER D 208 -4.10 13.61 37.99
C SER D 208 -5.57 13.29 38.28
N GLY D 209 -6.08 12.27 37.59
CA GLY D 209 -7.41 11.79 37.87
C GLY D 209 -8.48 12.85 37.70
N THR D 210 -9.02 13.32 38.82
CA THR D 210 -10.11 14.28 38.83
C THR D 210 -9.68 15.70 39.18
N ALA D 211 -8.46 15.90 39.67
CA ALA D 211 -8.01 17.21 40.13
C ALA D 211 -6.79 17.64 39.35
N PHE D 212 -6.79 18.90 38.91
CA PHE D 212 -5.73 19.40 38.03
C PHE D 212 -5.32 20.79 38.47
N THR D 213 -4.09 21.16 38.14
CA THR D 213 -3.55 22.47 38.46
C THR D 213 -2.74 23.00 37.29
N LEU D 214 -2.91 24.29 37.00
CA LEU D 214 -2.15 24.99 35.98
C LEU D 214 -1.21 25.97 36.69
N THR D 215 0.09 25.78 36.51
CA THR D 215 1.11 26.57 37.18
C THR D 215 1.75 27.52 36.19
N ILE D 216 1.91 28.77 36.59
CA ILE D 216 2.64 29.78 35.82
C ILE D 216 3.89 30.12 36.59
N SER D 217 5.06 29.79 36.02
CA SER D 217 6.32 29.88 36.76
C SER D 217 6.64 31.33 37.10
N ARG D 218 6.49 32.24 36.15
CA ARG D 218 6.81 33.65 36.36
C ARG D 218 5.85 34.46 35.48
N LEU D 219 4.74 34.89 36.08
CA LEU D 219 3.68 35.50 35.30
C LEU D 219 4.04 36.93 34.93
N GLU D 220 3.68 37.33 33.72
CA GLU D 220 3.89 38.67 33.22
C GLU D 220 2.58 39.44 33.28
N ALA D 221 2.57 40.65 32.70
CA ALA D 221 1.31 41.34 32.46
C ALA D 221 0.53 40.70 31.33
N GLU D 222 1.19 39.90 30.49
CA GLU D 222 0.50 39.18 29.42
C GLU D 222 -0.40 38.09 29.97
N ASP D 223 -0.06 37.54 31.14
CA ASP D 223 -0.77 36.39 31.67
C ASP D 223 -2.03 36.77 32.44
N VAL D 224 -2.34 38.05 32.54
CA VAL D 224 -3.51 38.51 33.27
C VAL D 224 -4.75 38.27 32.43
N GLY D 225 -5.68 37.48 32.96
CA GLY D 225 -6.88 37.14 32.23
C GLY D 225 -7.68 36.11 33.00
N VAL D 226 -8.60 35.47 32.29
CA VAL D 226 -9.48 34.45 32.87
C VAL D 226 -9.07 33.10 32.32
N TYR D 227 -8.81 32.14 33.22
CA TYR D 227 -8.31 30.82 32.85
C TYR D 227 -9.43 29.81 32.98
N TYR D 228 -9.64 29.01 31.94
CA TYR D 228 -10.75 28.07 31.88
C TYR D 228 -10.25 26.64 31.77
N CYS D 229 -10.87 25.76 32.54
CA CYS D 229 -10.78 24.33 32.29
C CYS D 229 -11.67 23.96 31.12
N MET D 230 -11.38 22.81 30.54
CA MET D 230 -12.35 22.14 29.68
C MET D 230 -12.02 20.67 29.66
N GLN D 231 -13.03 19.84 29.77
CA GLN D 231 -12.86 18.41 29.62
C GLN D 231 -13.18 18.01 28.19
N HIS D 232 -12.42 17.06 27.66
CA HIS D 232 -12.69 16.52 26.33
C HIS D 232 -12.77 15.01 26.38
N LEU D 233 -13.21 14.46 27.52
CA LEU D 233 -13.32 13.01 27.66
C LEU D 233 -14.62 12.50 27.06
N GLU D 234 -15.75 12.92 27.62
CA GLU D 234 -17.06 12.63 27.07
C GLU D 234 -17.55 13.88 26.34
N TYR D 235 -18.34 13.68 25.29
CA TYR D 235 -18.35 14.79 24.36
C TYR D 235 -19.10 16.03 24.87
N PRO D 236 -20.10 15.95 25.76
CA PRO D 236 -20.71 17.20 26.22
C PRO D 236 -19.69 18.05 26.95
N LEU D 237 -18.81 18.68 26.18
CA LEU D 237 -17.68 19.41 26.73
C LEU D 237 -18.13 20.49 27.68
N THR D 238 -17.48 20.56 28.84
CA THR D 238 -17.86 21.48 29.88
C THR D 238 -16.64 22.26 30.34
N PHE D 239 -16.87 23.51 30.73
CA PHE D 239 -15.82 24.37 31.25
C PHE D 239 -16.02 24.60 32.74
N GLY D 240 -14.93 24.96 33.41
CA GLY D 240 -14.99 25.41 34.79
C GLY D 240 -14.99 26.93 34.81
N ALA D 241 -15.90 27.50 35.58
CA ALA D 241 -16.05 28.95 35.65
C ALA D 241 -14.70 29.61 35.87
N GLY D 242 -14.38 30.59 35.03
CA GLY D 242 -13.00 31.02 34.89
C GLY D 242 -12.42 31.53 36.19
N THR D 243 -11.15 31.17 36.43
CA THR D 243 -10.38 31.68 37.56
C THR D 243 -9.67 32.95 37.06
N LYS D 244 -10.34 34.08 37.19
CA LYS D 244 -9.78 35.33 36.68
C LYS D 244 -8.54 35.71 37.47
N LEU D 245 -7.44 35.93 36.76
CA LEU D 245 -6.22 36.47 37.35
C LEU D 245 -6.20 37.97 37.14
N GLU D 246 -5.97 38.72 38.21
CA GLU D 246 -5.98 40.18 38.18
C GLU D 246 -4.73 40.68 38.88
N LEU D 247 -4.23 41.82 38.41
CA LEU D 247 -3.03 42.40 38.96
C LEU D 247 -3.30 43.04 40.32
N SER E 161 -28.48 -53.13 -0.68
CA SER E 161 -27.22 -52.61 -1.18
C SER E 161 -27.45 -51.49 -2.20
N TYR E 162 -28.56 -51.59 -2.94
CA TYR E 162 -28.89 -50.53 -3.89
C TYR E 162 -29.07 -49.20 -3.19
N GLN E 163 -29.63 -49.22 -1.98
CA GLN E 163 -29.64 -48.02 -1.15
C GLN E 163 -28.23 -47.61 -0.79
N VAL E 164 -27.38 -48.57 -0.43
CA VAL E 164 -26.06 -48.25 0.11
C VAL E 164 -25.12 -47.77 -0.99
N ILE E 165 -25.11 -48.46 -2.13
CA ILE E 165 -24.21 -48.06 -3.21
C ILE E 165 -24.60 -46.70 -3.75
N THR E 166 -25.91 -46.47 -3.96
CA THR E 166 -26.38 -45.16 -4.39
C THR E 166 -26.06 -44.10 -3.35
N SER E 167 -26.21 -44.43 -2.07
CA SER E 167 -25.91 -43.47 -1.01
C SER E 167 -24.45 -43.08 -1.02
N LEU E 168 -23.55 -44.06 -1.15
CA LEU E 168 -22.13 -43.74 -1.20
C LEU E 168 -21.76 -42.93 -2.44
N LEU E 169 -22.32 -43.30 -3.60
CA LEU E 169 -21.98 -42.56 -4.82
C LEU E 169 -22.45 -41.11 -4.74
N LEU E 170 -23.71 -40.91 -4.37
CA LEU E 170 -24.23 -39.55 -4.26
C LEU E 170 -23.58 -38.79 -3.12
N GLY E 171 -23.23 -39.47 -2.03
CA GLY E 171 -22.57 -38.79 -0.92
C GLY E 171 -21.17 -38.34 -1.28
N THR E 172 -20.44 -39.16 -2.03
CA THR E 172 -19.15 -38.71 -2.54
C THR E 172 -19.31 -37.56 -3.51
N LEU E 173 -20.35 -37.60 -4.34
CA LEU E 173 -20.61 -36.48 -5.24
C LEU E 173 -20.86 -35.20 -4.45
N ILE E 174 -21.73 -35.26 -3.44
CA ILE E 174 -22.05 -34.08 -2.63
C ILE E 174 -20.83 -33.61 -1.86
N PHE E 175 -20.07 -34.54 -1.28
CA PHE E 175 -18.90 -34.18 -0.50
C PHE E 175 -17.84 -33.53 -1.38
N CYS E 176 -17.61 -34.08 -2.57
CA CYS E 176 -16.66 -33.45 -3.49
C CYS E 176 -17.15 -32.09 -3.95
N ALA E 177 -18.44 -31.95 -4.20
CA ALA E 177 -18.97 -30.65 -4.62
C ALA E 177 -18.81 -29.61 -3.52
N VAL E 178 -19.17 -29.98 -2.29
CA VAL E 178 -19.02 -29.07 -1.15
C VAL E 178 -17.55 -28.71 -0.97
N LEU E 179 -16.68 -29.71 -0.99
CA LEU E 179 -15.25 -29.46 -0.79
C LEU E 179 -14.69 -28.55 -1.87
N GLY E 180 -15.00 -28.84 -3.14
CA GLY E 180 -14.46 -28.05 -4.22
C GLY E 180 -14.95 -26.60 -4.20
N ASN E 181 -16.26 -26.42 -4.02
CA ASN E 181 -16.79 -25.06 -4.00
C ASN E 181 -16.33 -24.28 -2.79
N ALA E 182 -16.30 -24.94 -1.62
CA ALA E 182 -15.81 -24.28 -0.41
C ALA E 182 -14.35 -23.93 -0.53
N CYS E 183 -13.55 -24.79 -1.15
CA CYS E 183 -12.14 -24.49 -1.34
C CYS E 183 -11.95 -23.32 -2.29
N VAL E 184 -12.77 -23.21 -3.33
CA VAL E 184 -12.69 -22.05 -4.21
C VAL E 184 -13.02 -20.78 -3.45
N VAL E 185 -14.10 -20.81 -2.67
CA VAL E 185 -14.51 -19.63 -1.91
C VAL E 185 -13.42 -19.25 -0.90
N ALA E 186 -12.86 -20.25 -0.22
CA ALA E 186 -11.79 -19.99 0.73
C ALA E 186 -10.54 -19.45 0.04
N ALA E 187 -10.21 -19.95 -1.14
CA ALA E 187 -9.06 -19.44 -1.86
C ALA E 187 -9.24 -17.97 -2.22
N ILE E 188 -10.44 -17.59 -2.66
CA ILE E 188 -10.64 -16.18 -3.00
C ILE E 188 -10.69 -15.32 -1.74
N ALA E 189 -11.31 -15.81 -0.67
CA ALA E 189 -11.40 -15.02 0.55
C ALA E 189 -10.04 -14.79 1.17
N LEU E 190 -9.21 -15.84 1.24
CA LEU E 190 -7.92 -15.74 1.91
C LEU E 190 -6.89 -15.05 1.02
N GLU E 191 -6.64 -15.61 -0.16
CA GLU E 191 -5.62 -15.08 -1.05
C GLU E 191 -6.08 -13.74 -1.62
N ARG E 192 -5.30 -12.67 -1.37
CA ARG E 192 -5.67 -11.36 -1.87
C ARG E 192 -5.29 -11.16 -3.33
N SER E 193 -4.45 -12.02 -3.89
CA SER E 193 -4.15 -11.96 -5.31
C SER E 193 -5.28 -12.55 -6.16
N LEU E 194 -6.19 -13.28 -5.53
CA LEU E 194 -7.30 -13.92 -6.22
C LEU E 194 -8.59 -13.12 -6.12
N GLN E 195 -8.53 -11.86 -5.71
CA GLN E 195 -9.72 -11.04 -5.55
C GLN E 195 -9.80 -10.10 -6.75
N ASN E 196 -10.32 -10.61 -7.85
CA ASN E 196 -10.50 -9.90 -9.09
C ASN E 196 -11.99 -9.85 -9.42
N VAL E 197 -12.37 -8.99 -10.36
CA VAL E 197 -13.76 -8.97 -10.82
C VAL E 197 -14.12 -10.31 -11.45
N ALA E 198 -13.26 -10.81 -12.34
CA ALA E 198 -13.45 -12.14 -12.91
C ALA E 198 -13.43 -13.19 -11.81
N ASN E 199 -12.51 -13.05 -10.86
CA ASN E 199 -12.43 -13.97 -9.74
C ASN E 199 -13.62 -13.82 -8.81
N TYR E 200 -14.17 -12.61 -8.69
CA TYR E 200 -15.41 -12.43 -7.94
C TYR E 200 -16.56 -13.21 -8.55
N LEU E 201 -16.69 -13.16 -9.89
CA LEU E 201 -17.72 -13.96 -10.54
C LEU E 201 -17.47 -15.44 -10.39
N ILE E 202 -16.22 -15.88 -10.52
CA ILE E 202 -15.91 -17.30 -10.36
C ILE E 202 -16.25 -17.77 -8.95
N GLY E 203 -15.90 -16.97 -7.93
CA GLY E 203 -16.18 -17.36 -6.57
C GLY E 203 -17.63 -17.24 -6.19
N SER E 204 -18.37 -16.35 -6.85
CA SER E 204 -19.81 -16.33 -6.68
C SER E 204 -20.44 -17.56 -7.30
N LEU E 205 -19.91 -18.02 -8.43
CA LEU E 205 -20.35 -19.30 -8.98
C LEU E 205 -20.05 -20.43 -8.00
N ALA E 206 -18.89 -20.37 -7.35
CA ALA E 206 -18.56 -21.36 -6.33
C ALA E 206 -19.52 -21.30 -5.15
N VAL E 207 -19.90 -20.09 -4.74
CA VAL E 207 -20.87 -19.93 -3.66
C VAL E 207 -22.21 -20.50 -4.07
N THR E 208 -22.65 -20.24 -5.30
CA THR E 208 -23.92 -20.76 -5.79
C THR E 208 -23.90 -22.29 -5.81
N ASP E 209 -22.82 -22.87 -6.33
CA ASP E 209 -22.72 -24.32 -6.36
C ASP E 209 -22.61 -24.91 -4.96
N LEU E 210 -22.01 -24.18 -4.03
CA LEU E 210 -21.98 -24.62 -2.64
C LEU E 210 -23.37 -24.62 -2.05
N MET E 211 -24.15 -23.58 -2.33
CA MET E 211 -25.54 -23.57 -1.90
C MET E 211 -26.30 -24.74 -2.50
N VAL E 212 -26.08 -25.02 -3.78
CA VAL E 212 -26.70 -26.19 -4.41
C VAL E 212 -26.30 -27.45 -3.65
N SER E 213 -25.00 -27.62 -3.41
CA SER E 213 -24.47 -28.85 -2.84
C SER E 213 -24.84 -29.04 -1.38
N VAL E 214 -25.21 -27.97 -0.67
CA VAL E 214 -25.51 -28.07 0.75
C VAL E 214 -27.02 -28.05 1.00
N LEU E 215 -27.78 -27.45 0.10
CA LEU E 215 -29.23 -27.35 0.27
C LEU E 215 -30.00 -28.33 -0.60
N VAL E 216 -29.67 -28.42 -1.89
CA VAL E 216 -30.42 -29.25 -2.82
C VAL E 216 -29.90 -30.69 -2.83
N LEU E 217 -28.61 -30.88 -3.06
CA LEU E 217 -28.07 -32.22 -3.22
C LEU E 217 -28.26 -33.15 -2.03
N PRO E 218 -28.19 -32.72 -0.78
CA PRO E 218 -28.53 -33.66 0.30
C PRO E 218 -29.98 -34.11 0.25
N MET E 219 -30.92 -33.18 0.10
CA MET E 219 -32.32 -33.56 0.02
C MET E 219 -32.62 -34.31 -1.26
N ALA E 220 -32.03 -33.89 -2.38
CA ALA E 220 -32.20 -34.61 -3.64
C ALA E 220 -31.60 -36.00 -3.57
N ALA E 221 -30.47 -36.15 -2.88
CA ALA E 221 -29.84 -37.47 -2.77
C ALA E 221 -30.66 -38.39 -1.88
N LEU E 222 -31.25 -37.84 -0.82
CA LEU E 222 -32.19 -38.66 -0.04
C LEU E 222 -33.41 -39.04 -0.86
N TYR E 223 -33.92 -38.11 -1.67
CA TYR E 223 -35.06 -38.38 -2.52
C TYR E 223 -34.71 -39.39 -3.62
N GLN E 224 -33.44 -39.49 -3.97
CA GLN E 224 -33.00 -40.48 -4.95
C GLN E 224 -32.77 -41.84 -4.33
N VAL E 225 -32.16 -41.88 -3.15
CA VAL E 225 -31.90 -43.15 -2.48
C VAL E 225 -33.20 -43.79 -2.02
N LEU E 226 -34.11 -42.99 -1.45
CA LEU E 226 -35.38 -43.52 -0.98
C LEU E 226 -36.41 -43.62 -2.09
N ASN E 227 -36.16 -43.02 -3.24
CA ASN E 227 -37.07 -43.02 -4.39
C ASN E 227 -38.41 -42.37 -4.08
N LYS E 228 -38.53 -41.70 -2.95
CA LYS E 228 -39.77 -41.01 -2.59
C LYS E 228 -39.42 -39.81 -1.72
N TRP E 229 -40.34 -38.85 -1.69
CA TRP E 229 -40.16 -37.65 -0.88
C TRP E 229 -40.72 -37.93 0.51
N THR E 230 -39.85 -38.37 1.41
CA THR E 230 -40.26 -38.68 2.78
C THR E 230 -40.49 -37.44 3.62
N LEU E 231 -39.95 -36.30 3.23
CA LEU E 231 -40.09 -35.08 4.00
C LEU E 231 -41.49 -34.50 3.77
N GLY E 232 -41.74 -33.29 4.26
CA GLY E 232 -43.05 -32.71 4.16
C GLY E 232 -43.37 -32.21 2.76
N GLN E 233 -44.57 -31.64 2.63
CA GLN E 233 -44.94 -31.01 1.37
C GLN E 233 -44.48 -29.56 1.32
N VAL E 234 -44.51 -28.86 2.45
CA VAL E 234 -43.91 -27.54 2.50
C VAL E 234 -42.40 -27.65 2.28
N THR E 235 -41.80 -28.73 2.79
CA THR E 235 -40.40 -28.99 2.48
C THR E 235 -40.21 -29.33 1.02
N CYS E 236 -41.19 -29.97 0.39
CA CYS E 236 -41.11 -30.18 -1.06
C CYS E 236 -41.12 -28.86 -1.82
N ASP E 237 -42.01 -27.94 -1.43
CA ASP E 237 -42.03 -26.63 -2.09
C ASP E 237 -40.72 -25.90 -1.87
N LEU E 238 -40.17 -25.97 -0.65
CA LEU E 238 -38.88 -25.36 -0.37
C LEU E 238 -37.78 -25.99 -1.22
N PHE E 239 -37.80 -27.31 -1.36
CA PHE E 239 -36.81 -28.01 -2.17
C PHE E 239 -36.88 -27.58 -3.63
N ILE E 240 -38.09 -27.52 -4.18
CA ILE E 240 -38.23 -27.10 -5.57
C ILE E 240 -37.77 -25.66 -5.75
N ALA E 241 -38.14 -24.78 -4.81
CA ALA E 241 -37.74 -23.39 -4.92
C ALA E 241 -36.23 -23.24 -4.86
N LEU E 242 -35.58 -23.89 -3.89
CA LEU E 242 -34.13 -23.80 -3.79
C LEU E 242 -33.45 -24.43 -5.00
N ASP E 243 -33.97 -25.57 -5.46
CA ASP E 243 -33.40 -26.25 -6.62
C ASP E 243 -33.41 -25.34 -7.84
N VAL E 244 -34.58 -24.81 -8.18
CA VAL E 244 -34.70 -23.95 -9.35
C VAL E 244 -33.88 -22.68 -9.17
N LEU E 245 -33.98 -22.05 -8.00
CA LEU E 245 -33.23 -20.82 -7.72
C LEU E 245 -31.73 -21.04 -7.90
N CYS E 246 -31.19 -22.06 -7.24
CA CYS E 246 -29.75 -22.24 -7.20
C CYS E 246 -29.21 -22.75 -8.53
N CYS E 247 -29.93 -23.64 -9.20
CA CYS E 247 -29.46 -24.13 -10.48
C CYS E 247 -29.54 -23.05 -11.55
N THR E 248 -30.63 -22.27 -11.55
CA THR E 248 -30.72 -21.13 -12.46
C THR E 248 -29.61 -20.13 -12.18
N SER E 249 -29.29 -19.90 -10.92
CA SER E 249 -28.22 -18.97 -10.58
C SER E 249 -26.87 -19.49 -11.04
N SER E 250 -26.65 -20.80 -10.95
CA SER E 250 -25.38 -21.36 -11.44
C SER E 250 -25.26 -21.20 -12.96
N ILE E 251 -26.32 -21.51 -13.69
CA ILE E 251 -26.28 -21.37 -15.14
C ILE E 251 -26.06 -19.91 -15.53
N TRP E 252 -26.77 -18.99 -14.86
CA TRP E 252 -26.60 -17.59 -15.20
C TRP E 252 -25.28 -17.04 -14.67
N HIS E 253 -24.67 -17.69 -13.69
CA HIS E 253 -23.29 -17.35 -13.34
C HIS E 253 -22.34 -17.73 -14.45
N LEU E 254 -22.57 -18.87 -15.08
CA LEU E 254 -21.81 -19.19 -16.29
C LEU E 254 -21.97 -18.11 -17.34
N CYS E 255 -23.21 -17.64 -17.54
CA CYS E 255 -23.43 -16.57 -18.51
C CYS E 255 -22.77 -15.26 -18.08
N ALA E 256 -22.78 -14.95 -16.79
CA ALA E 256 -22.13 -13.73 -16.31
C ALA E 256 -20.63 -13.80 -16.49
N ILE E 257 -20.03 -14.95 -16.22
CA ILE E 257 -18.61 -15.15 -16.46
C ILE E 257 -18.30 -15.01 -17.94
N ALA E 258 -19.13 -15.59 -18.80
CA ALA E 258 -18.94 -15.46 -20.24
C ALA E 258 -19.03 -14.00 -20.67
N LEU E 259 -20.00 -13.26 -20.13
CA LEU E 259 -20.16 -11.86 -20.49
C LEU E 259 -18.99 -11.01 -20.02
N ASP E 260 -18.50 -11.29 -18.82
CA ASP E 260 -17.32 -10.59 -18.31
C ASP E 260 -16.11 -10.87 -19.18
N ARG E 261 -15.91 -12.13 -19.57
CA ARG E 261 -14.80 -12.47 -20.43
C ARG E 261 -14.94 -11.81 -21.80
N TYR E 262 -16.16 -11.78 -22.33
CA TYR E 262 -16.41 -11.12 -23.60
C TYR E 262 -16.08 -9.65 -23.53
N TRP E 263 -16.47 -8.98 -22.46
CA TRP E 263 -16.18 -7.56 -22.32
C TRP E 263 -14.68 -7.33 -22.11
N ALA E 264 -14.01 -8.23 -21.40
CA ALA E 264 -12.57 -8.08 -21.18
C ALA E 264 -11.78 -8.31 -22.45
N ILE E 265 -12.28 -9.17 -23.34
CA ILE E 265 -11.54 -9.54 -24.54
C ILE E 265 -11.85 -8.59 -25.71
N THR E 266 -13.10 -8.14 -25.83
CA THR E 266 -13.47 -7.25 -26.91
C THR E 266 -13.42 -5.77 -26.53
N ASP E 267 -13.35 -5.44 -25.24
CA ASP E 267 -13.36 -4.07 -24.76
C ASP E 267 -12.26 -3.87 -23.73
N PRO E 268 -11.00 -3.76 -24.17
CA PRO E 268 -9.93 -3.42 -23.21
C PRO E 268 -10.08 -2.05 -22.58
N ILE E 269 -10.64 -1.07 -23.30
CA ILE E 269 -10.84 0.26 -22.72
C ILE E 269 -11.84 0.20 -21.59
N ASP E 270 -12.95 -0.52 -21.78
CA ASP E 270 -13.88 -0.74 -20.69
C ASP E 270 -13.23 -1.55 -19.57
N TYR E 271 -12.41 -2.53 -19.93
CA TYR E 271 -11.74 -3.36 -18.94
C TYR E 271 -10.83 -2.53 -18.03
N VAL E 272 -10.23 -1.48 -18.59
CA VAL E 272 -9.29 -0.66 -17.83
C VAL E 272 -9.99 0.47 -17.09
N ASN E 273 -10.96 1.12 -17.75
CA ASN E 273 -11.53 2.35 -17.25
C ASN E 273 -12.86 2.17 -16.52
N LYS E 274 -13.65 1.16 -16.89
CA LYS E 274 -15.01 1.04 -16.38
C LYS E 274 -15.29 -0.20 -15.56
N ARG E 275 -14.47 -1.24 -15.70
CA ARG E 275 -14.76 -2.52 -15.03
C ARG E 275 -14.33 -2.44 -13.57
N THR E 276 -15.29 -2.59 -12.67
CA THR E 276 -15.08 -2.48 -11.24
C THR E 276 -15.79 -3.64 -10.57
N PRO E 277 -15.44 -3.94 -9.31
CA PRO E 277 -16.20 -4.97 -8.58
C PRO E 277 -17.68 -4.68 -8.49
N ARG E 278 -18.09 -3.42 -8.63
CA ARG E 278 -19.50 -3.10 -8.71
C ARG E 278 -20.18 -3.84 -9.84
N ARG E 279 -19.48 -4.01 -10.97
CA ARG E 279 -20.05 -4.75 -12.08
C ARG E 279 -20.14 -6.24 -11.77
N ALA E 280 -19.15 -6.78 -11.07
CA ALA E 280 -19.25 -8.18 -10.63
C ALA E 280 -20.45 -8.37 -9.72
N ALA E 281 -20.67 -7.44 -8.78
CA ALA E 281 -21.81 -7.53 -7.89
C ALA E 281 -23.12 -7.38 -8.65
N ALA E 282 -23.16 -6.49 -9.64
CA ALA E 282 -24.36 -6.35 -10.47
C ALA E 282 -24.65 -7.62 -11.24
N LEU E 283 -23.63 -8.26 -11.79
CA LEU E 283 -23.83 -9.51 -12.51
C LEU E 283 -24.31 -10.62 -11.58
N ILE E 284 -23.70 -10.72 -10.40
CA ILE E 284 -24.12 -11.75 -9.43
C ILE E 284 -25.55 -11.53 -9.00
N SER E 285 -25.91 -10.28 -8.70
CA SER E 285 -27.27 -9.95 -8.32
C SER E 285 -28.23 -10.26 -9.46
N LEU E 286 -27.82 -10.02 -10.70
CA LEU E 286 -28.68 -10.33 -11.83
C LEU E 286 -28.94 -11.82 -11.96
N THR E 287 -27.88 -12.64 -11.78
CA THR E 287 -28.08 -14.08 -11.84
C THR E 287 -29.01 -14.56 -10.73
N TRP E 288 -28.83 -14.05 -9.52
CA TRP E 288 -29.72 -14.45 -8.44
C TRP E 288 -31.14 -13.95 -8.65
N LEU E 289 -31.29 -12.76 -9.24
CA LEU E 289 -32.62 -12.25 -9.54
C LEU E 289 -33.32 -13.11 -10.58
N ILE E 290 -32.60 -13.55 -11.61
CA ILE E 290 -33.21 -14.42 -12.61
C ILE E 290 -33.57 -15.76 -11.98
N GLY E 291 -32.70 -16.29 -11.11
CA GLY E 291 -33.06 -17.50 -10.39
C GLY E 291 -34.35 -17.35 -9.60
N PHE E 292 -34.50 -16.23 -8.90
CA PHE E 292 -35.73 -15.95 -8.17
C PHE E 292 -36.93 -15.86 -9.11
N LEU E 293 -36.76 -15.14 -10.23
CA LEU E 293 -37.85 -14.97 -11.16
C LEU E 293 -38.29 -16.30 -11.77
N ILE E 294 -37.39 -17.26 -11.86
CA ILE E 294 -37.77 -18.57 -12.37
C ILE E 294 -38.40 -19.43 -11.29
N SER E 295 -37.91 -19.33 -10.04
CA SER E 295 -38.32 -20.26 -9.00
C SER E 295 -39.55 -19.81 -8.21
N ILE E 296 -39.91 -18.53 -8.24
CA ILE E 296 -41.02 -18.01 -7.44
C ILE E 296 -42.40 -18.31 -8.04
N PRO E 297 -42.61 -18.28 -9.35
CA PRO E 297 -43.95 -18.52 -9.89
C PRO E 297 -44.57 -19.82 -9.41
N PRO E 298 -43.81 -20.91 -9.25
CA PRO E 298 -44.42 -22.11 -8.65
C PRO E 298 -44.98 -21.85 -7.26
N MET E 299 -44.33 -20.99 -6.47
CA MET E 299 -44.85 -20.67 -5.15
C MET E 299 -46.06 -19.76 -5.23
N LEU E 300 -46.05 -18.81 -6.18
CA LEU E 300 -47.13 -17.82 -6.21
C LEU E 300 -48.36 -18.31 -6.97
N GLY E 301 -48.23 -18.55 -8.28
CA GLY E 301 -49.42 -18.77 -9.07
C GLY E 301 -49.37 -19.71 -10.26
N TRP E 302 -48.25 -20.41 -10.47
CA TRP E 302 -48.19 -21.36 -11.59
C TRP E 302 -48.00 -22.79 -11.09
N ARG E 303 -48.73 -23.15 -10.04
CA ARG E 303 -48.68 -24.52 -9.54
C ARG E 303 -50.05 -25.19 -9.66
N PRO E 311 -47.83 -36.38 -4.02
CA PRO E 311 -47.66 -37.12 -2.78
C PRO E 311 -46.55 -38.16 -2.88
N ASP E 312 -45.64 -38.17 -1.91
CA ASP E 312 -44.47 -39.05 -1.90
C ASP E 312 -43.58 -38.85 -3.12
N ALA E 313 -43.78 -37.76 -3.86
CA ALA E 313 -42.94 -37.41 -4.99
C ALA E 313 -42.90 -35.91 -5.07
N CYS E 314 -41.70 -35.36 -5.21
CA CYS E 314 -41.50 -33.91 -5.17
C CYS E 314 -41.00 -33.49 -6.54
N THR E 315 -41.90 -32.99 -7.38
CA THR E 315 -41.60 -32.65 -8.76
C THR E 315 -41.86 -31.18 -9.01
N ILE E 316 -41.04 -30.59 -9.88
CA ILE E 316 -41.28 -29.22 -10.32
C ILE E 316 -42.62 -29.15 -11.04
N SER E 317 -43.18 -27.95 -11.11
CA SER E 317 -44.45 -27.74 -11.80
C SER E 317 -44.34 -28.17 -13.25
N LYS E 318 -45.02 -29.25 -13.61
CA LYS E 318 -45.04 -29.72 -15.00
C LYS E 318 -46.13 -29.02 -15.79
N ASP E 319 -46.13 -27.70 -15.70
CA ASP E 319 -47.05 -26.86 -16.46
C ASP E 319 -46.57 -26.83 -17.90
N HIS E 320 -47.23 -26.03 -18.74
CA HIS E 320 -46.73 -25.79 -20.09
C HIS E 320 -46.11 -24.40 -20.20
N GLY E 321 -46.86 -23.36 -19.87
CA GLY E 321 -46.31 -22.03 -19.88
C GLY E 321 -45.13 -21.91 -18.95
N TYR E 322 -45.25 -22.45 -17.73
CA TYR E 322 -44.11 -22.45 -16.83
C TYR E 322 -43.00 -23.35 -17.32
N THR E 323 -43.31 -24.37 -18.13
CA THR E 323 -42.23 -25.19 -18.67
C THR E 323 -41.38 -24.40 -19.64
N ILE E 324 -41.99 -23.67 -20.57
CA ILE E 324 -41.19 -22.78 -21.41
C ILE E 324 -40.50 -21.72 -20.57
N TYR E 325 -41.19 -21.16 -19.58
CA TYR E 325 -40.62 -20.09 -18.77
C TYR E 325 -39.38 -20.57 -18.02
N SER E 326 -39.43 -21.76 -17.44
CA SER E 326 -38.35 -22.27 -16.61
C SER E 326 -37.25 -22.96 -17.39
N THR E 327 -37.53 -23.49 -18.58
CA THR E 327 -36.44 -24.08 -19.34
C THR E 327 -35.76 -23.05 -20.23
N PHE E 328 -36.52 -22.14 -20.82
CA PHE E 328 -35.93 -21.10 -21.65
C PHE E 328 -35.25 -20.04 -20.79
N GLY E 329 -35.90 -19.62 -19.71
CA GLY E 329 -35.35 -18.58 -18.89
C GLY E 329 -34.15 -19.01 -18.07
N ALA E 330 -33.98 -20.32 -17.88
CA ALA E 330 -32.88 -20.85 -17.09
C ALA E 330 -31.83 -21.59 -17.88
N PHE E 331 -32.17 -22.14 -19.04
CA PHE E 331 -31.12 -22.81 -19.81
C PHE E 331 -31.02 -22.37 -21.25
N TYR E 332 -32.15 -22.23 -21.95
CA TYR E 332 -32.07 -21.99 -23.39
C TYR E 332 -31.64 -20.57 -23.72
N ILE E 333 -32.17 -19.58 -23.00
CA ILE E 333 -31.62 -18.23 -23.11
C ILE E 333 -30.18 -18.18 -22.59
N PRO E 334 -29.85 -18.78 -21.44
CA PRO E 334 -28.43 -18.89 -21.07
C PRO E 334 -27.58 -19.63 -22.09
N LEU E 335 -28.06 -20.73 -22.65
CA LEU E 335 -27.28 -21.46 -23.64
C LEU E 335 -27.04 -20.61 -24.88
N LEU E 336 -28.09 -19.92 -25.35
CA LEU E 336 -27.93 -19.05 -26.51
C LEU E 336 -26.95 -17.92 -26.22
N LEU E 337 -27.06 -17.30 -25.05
CA LEU E 337 -26.17 -16.21 -24.70
C LEU E 337 -24.73 -16.68 -24.59
N MET E 338 -24.51 -17.82 -23.95
CA MET E 338 -23.14 -18.32 -23.83
C MET E 338 -22.58 -18.73 -25.18
N LEU E 339 -23.40 -19.35 -26.03
CA LEU E 339 -22.94 -19.70 -27.37
C LEU E 339 -22.56 -18.46 -28.16
N VAL E 340 -23.39 -17.42 -28.12
CA VAL E 340 -23.10 -16.19 -28.86
C VAL E 340 -21.86 -15.51 -28.29
N LEU E 341 -21.79 -15.39 -26.96
CA LEU E 341 -20.68 -14.67 -26.34
C LEU E 341 -19.36 -15.39 -26.54
N TYR E 342 -19.33 -16.71 -26.37
CA TYR E 342 -18.11 -17.45 -26.59
C TYR E 342 -17.78 -17.62 -28.07
N GLY E 343 -18.77 -17.53 -28.97
CA GLY E 343 -18.44 -17.45 -30.38
C GLY E 343 -17.78 -16.13 -30.74
N ARG E 344 -18.29 -15.02 -30.20
CA ARG E 344 -17.62 -13.74 -30.36
C ARG E 344 -16.23 -13.77 -29.72
N ILE E 345 -16.11 -14.41 -28.56
CA ILE E 345 -14.83 -14.52 -27.87
C ILE E 345 -13.86 -15.36 -28.70
N PHE E 346 -14.36 -16.42 -29.33
CA PHE E 346 -13.53 -17.25 -30.19
C PHE E 346 -13.08 -16.48 -31.43
N ARG E 347 -13.97 -15.68 -32.00
CA ARG E 347 -13.59 -14.83 -33.12
C ARG E 347 -12.51 -13.83 -32.70
N ALA E 348 -12.66 -13.21 -31.53
CA ALA E 348 -11.67 -12.24 -31.06
C ALA E 348 -10.34 -12.92 -30.75
N ALA E 349 -10.38 -14.10 -30.14
CA ALA E 349 -9.16 -14.83 -29.84
C ALA E 349 -8.43 -15.23 -31.11
N ARG E 350 -9.17 -15.71 -32.11
CA ARG E 350 -8.55 -16.04 -33.39
C ARG E 350 -7.98 -14.81 -34.05
N PHE E 351 -8.69 -13.68 -33.99
CA PHE E 351 -8.17 -12.47 -34.61
C PHE E 351 -6.88 -12.03 -33.94
N ARG E 352 -6.81 -12.13 -32.61
CA ARG E 352 -5.59 -11.78 -31.90
C ARG E 352 -4.45 -12.72 -32.28
N ILE E 353 -4.74 -14.03 -32.38
CA ILE E 353 -3.70 -14.99 -32.72
C ILE E 353 -3.18 -14.76 -34.14
N ARG E 354 -4.08 -14.50 -35.09
CA ARG E 354 -3.62 -14.14 -36.43
C ARG E 354 -2.85 -12.82 -36.46
N LYS E 355 -3.23 -11.87 -35.60
CA LYS E 355 -2.44 -10.65 -35.49
C LYS E 355 -1.01 -10.98 -35.10
N THR E 356 -0.84 -11.87 -34.12
CA THR E 356 0.50 -12.29 -33.73
C THR E 356 1.16 -13.20 -34.77
N VAL E 357 0.41 -13.76 -35.70
CA VAL E 357 0.99 -14.56 -36.78
C VAL E 357 1.93 -13.70 -37.62
N ALA E 456 10.44 -17.48 -37.28
CA ALA E 456 9.21 -17.32 -38.06
C ALA E 456 8.28 -18.51 -37.86
N GLU E 457 8.82 -19.72 -38.04
CA GLU E 457 8.02 -20.91 -37.84
C GLU E 457 7.63 -21.10 -36.38
N ALA E 458 8.52 -20.73 -35.45
CA ALA E 458 8.19 -20.84 -34.03
C ALA E 458 7.02 -19.95 -33.68
N LYS E 459 6.96 -18.74 -34.25
CA LYS E 459 5.82 -17.87 -34.02
C LYS E 459 4.53 -18.50 -34.55
N ARG E 460 4.58 -19.08 -35.75
CA ARG E 460 3.38 -19.69 -36.30
C ARG E 460 3.02 -20.99 -35.58
N LYS E 461 4.03 -21.75 -35.14
CA LYS E 461 3.74 -22.93 -34.34
C LYS E 461 3.05 -22.54 -33.04
N MET E 462 3.54 -21.48 -32.39
CA MET E 462 2.87 -20.99 -31.19
C MET E 462 1.47 -20.47 -31.49
N ALA E 463 1.27 -19.86 -32.66
CA ALA E 463 -0.08 -19.42 -33.03
C ALA E 463 -1.03 -20.60 -33.18
N LEU E 464 -0.59 -21.67 -33.84
CA LEU E 464 -1.41 -22.88 -33.93
C LEU E 464 -1.66 -23.48 -32.56
N ALA E 465 -0.65 -23.47 -31.69
CA ALA E 465 -0.85 -24.00 -30.34
C ALA E 465 -1.87 -23.17 -29.57
N ARG E 466 -1.84 -21.85 -29.73
CA ARG E 466 -2.80 -20.98 -29.04
C ARG E 466 -4.20 -21.18 -29.59
N GLU E 467 -4.33 -21.40 -30.91
CA GLU E 467 -5.64 -21.69 -31.47
C GLU E 467 -6.18 -23.02 -30.96
N ARG E 468 -5.31 -24.03 -30.85
CA ARG E 468 -5.70 -25.30 -30.25
C ARG E 468 -6.12 -25.10 -28.80
N LYS E 469 -5.42 -24.23 -28.07
CA LYS E 469 -5.78 -23.93 -26.69
C LYS E 469 -7.14 -23.25 -26.60
N THR E 470 -7.40 -22.29 -27.49
CA THR E 470 -8.70 -21.63 -27.50
C THR E 470 -9.81 -22.64 -27.78
N VAL E 471 -9.60 -23.51 -28.77
CA VAL E 471 -10.61 -24.50 -29.11
C VAL E 471 -10.85 -25.45 -27.94
N LYS E 472 -9.77 -25.92 -27.30
CA LYS E 472 -9.92 -26.88 -26.21
C LYS E 472 -10.56 -26.24 -24.98
N THR E 473 -10.21 -24.99 -24.69
CA THR E 473 -10.79 -24.31 -23.54
C THR E 473 -12.28 -24.05 -23.74
N LEU E 474 -12.65 -23.50 -24.89
CA LEU E 474 -14.07 -23.30 -25.16
C LEU E 474 -14.81 -24.62 -25.23
N GLY E 475 -14.14 -25.67 -25.73
CA GLY E 475 -14.75 -26.98 -25.72
C GLY E 475 -15.03 -27.47 -24.31
N ILE E 476 -14.07 -27.31 -23.40
CA ILE E 476 -14.29 -27.71 -22.02
C ILE E 476 -15.46 -26.94 -21.43
N ILE E 477 -15.45 -25.61 -21.57
CA ILE E 477 -16.51 -24.77 -21.00
C ILE E 477 -17.87 -25.22 -21.52
N MET E 478 -18.08 -25.09 -22.84
CA MET E 478 -19.41 -25.28 -23.37
C MET E 478 -19.81 -26.75 -23.41
N GLY E 479 -18.87 -27.65 -23.62
CA GLY E 479 -19.19 -29.07 -23.59
C GLY E 479 -19.58 -29.54 -22.21
N THR E 480 -18.89 -29.09 -21.16
CA THR E 480 -19.31 -29.45 -19.82
C THR E 480 -20.68 -28.87 -19.51
N PHE E 481 -20.88 -27.60 -19.82
CA PHE E 481 -22.19 -26.98 -19.62
C PHE E 481 -23.29 -27.77 -20.32
N ILE E 482 -23.09 -28.07 -21.61
CA ILE E 482 -24.11 -28.73 -22.40
C ILE E 482 -24.31 -30.17 -21.93
N LEU E 483 -23.24 -30.93 -21.77
CA LEU E 483 -23.39 -32.32 -21.37
C LEU E 483 -24.08 -32.43 -20.03
N CYS E 484 -23.80 -31.51 -19.12
CA CYS E 484 -24.44 -31.56 -17.81
C CYS E 484 -25.92 -31.17 -17.90
N TRP E 485 -26.24 -30.07 -18.57
CA TRP E 485 -27.56 -29.49 -18.44
C TRP E 485 -28.50 -29.70 -19.62
N LEU E 486 -27.98 -29.78 -20.84
CA LEU E 486 -28.84 -29.95 -22.01
C LEU E 486 -29.69 -31.20 -21.95
N PRO E 487 -29.19 -32.37 -21.53
CA PRO E 487 -30.12 -33.49 -21.33
C PRO E 487 -31.27 -33.13 -20.41
N PHE E 488 -30.97 -32.40 -19.33
CA PHE E 488 -32.03 -32.07 -18.37
C PHE E 488 -33.08 -31.19 -18.99
N PHE E 489 -32.67 -30.18 -19.74
CA PHE E 489 -33.67 -29.25 -20.26
C PHE E 489 -34.32 -29.74 -21.53
N ILE E 490 -33.68 -30.68 -22.23
CA ILE E 490 -34.39 -31.40 -23.29
C ILE E 490 -35.52 -32.23 -22.69
N VAL E 491 -35.21 -33.00 -21.65
CA VAL E 491 -36.24 -33.82 -21.01
C VAL E 491 -37.31 -32.94 -20.36
N ALA E 492 -36.88 -31.81 -19.78
CA ALA E 492 -37.77 -30.89 -19.08
C ALA E 492 -38.62 -30.05 -20.01
N LEU E 493 -38.21 -29.89 -21.26
CA LEU E 493 -39.04 -29.22 -22.24
C LEU E 493 -39.93 -30.18 -22.99
N VAL E 494 -39.51 -31.43 -23.16
CA VAL E 494 -40.26 -32.39 -23.95
C VAL E 494 -41.33 -33.08 -23.10
N LEU E 495 -40.94 -33.65 -21.96
CA LEU E 495 -41.90 -34.42 -21.17
C LEU E 495 -43.16 -33.65 -20.77
N PRO E 496 -43.09 -32.38 -20.34
CA PRO E 496 -44.33 -31.64 -20.08
C PRO E 496 -45.21 -31.45 -21.31
N PHE E 497 -44.76 -31.92 -22.47
CA PHE E 497 -45.56 -31.92 -23.68
C PHE E 497 -45.84 -33.31 -24.22
N CYS E 498 -45.13 -34.34 -23.75
CA CYS E 498 -45.42 -35.73 -24.11
C CYS E 498 -46.34 -36.29 -23.04
N GLU E 499 -47.65 -36.17 -23.26
CA GLU E 499 -48.61 -36.70 -22.30
C GLU E 499 -48.48 -38.22 -22.18
N SER E 500 -48.35 -38.91 -23.30
CA SER E 500 -48.08 -40.34 -23.27
C SER E 500 -47.03 -40.79 -24.29
N SER E 501 -46.68 -39.95 -25.27
CA SER E 501 -45.73 -40.35 -26.31
C SER E 501 -44.30 -40.47 -25.80
N CYS E 502 -44.02 -39.99 -24.60
CA CYS E 502 -42.67 -39.98 -24.04
C CYS E 502 -42.72 -40.47 -22.59
N HIS E 503 -42.22 -41.67 -22.35
CA HIS E 503 -42.04 -42.18 -20.99
C HIS E 503 -40.56 -42.18 -20.66
N MET E 504 -40.23 -41.71 -19.46
CA MET E 504 -38.84 -41.58 -19.05
C MET E 504 -38.44 -42.76 -18.20
N PRO E 505 -37.45 -43.55 -18.61
CA PRO E 505 -36.92 -44.60 -17.71
C PRO E 505 -36.38 -43.98 -16.44
N THR E 506 -36.58 -44.68 -15.32
CA THR E 506 -36.18 -44.13 -14.03
C THR E 506 -34.67 -43.93 -13.96
N LEU E 507 -33.91 -44.94 -14.40
CA LEU E 507 -32.46 -44.83 -14.37
C LEU E 507 -31.98 -43.69 -15.25
N LEU E 508 -32.54 -43.60 -16.47
CA LEU E 508 -32.12 -42.53 -17.36
C LEU E 508 -32.41 -41.17 -16.76
N GLY E 509 -33.66 -40.92 -16.39
CA GLY E 509 -34.03 -39.62 -15.86
C GLY E 509 -33.25 -39.24 -14.62
N ALA E 510 -32.95 -40.23 -13.76
CA ALA E 510 -32.07 -39.97 -12.64
C ALA E 510 -30.68 -39.55 -13.10
N ILE E 511 -30.16 -40.20 -14.15
CA ILE E 511 -28.83 -39.85 -14.65
C ILE E 511 -28.82 -38.43 -15.22
N ILE E 512 -29.88 -38.05 -15.94
CA ILE E 512 -30.00 -36.68 -16.43
C ILE E 512 -30.06 -35.66 -15.28
N ASN E 513 -30.90 -35.91 -14.28
CA ASN E 513 -30.99 -34.98 -13.15
C ASN E 513 -29.64 -34.83 -12.46
N TRP E 514 -28.95 -35.94 -12.23
CA TRP E 514 -27.68 -35.88 -11.53
C TRP E 514 -26.54 -35.42 -12.43
N LEU E 515 -26.70 -35.44 -13.74
CA LEU E 515 -25.76 -34.72 -14.61
C LEU E 515 -25.90 -33.21 -14.41
N GLY E 516 -27.14 -32.73 -14.38
CA GLY E 516 -27.35 -31.33 -14.05
C GLY E 516 -26.74 -30.96 -12.72
N TYR E 517 -26.94 -31.79 -11.70
CA TYR E 517 -26.30 -31.57 -10.41
C TYR E 517 -24.77 -31.67 -10.48
N SER E 518 -24.23 -32.60 -11.27
CA SER E 518 -22.79 -32.71 -11.41
C SER E 518 -22.18 -31.50 -12.09
N ASN E 519 -22.98 -30.67 -12.75
CA ASN E 519 -22.43 -29.41 -13.23
C ASN E 519 -21.86 -28.56 -12.10
N SER E 520 -22.45 -28.62 -10.91
CA SER E 520 -21.94 -27.84 -9.79
C SER E 520 -20.68 -28.45 -9.19
N LEU E 521 -20.42 -29.74 -9.46
CA LEU E 521 -19.13 -30.32 -9.17
C LEU E 521 -18.08 -29.96 -10.22
N LEU E 522 -18.49 -29.83 -11.48
CA LEU E 522 -17.55 -29.57 -12.55
C LEU E 522 -17.24 -28.10 -12.76
N ASN E 523 -18.10 -27.20 -12.28
CA ASN E 523 -17.85 -25.76 -12.42
C ASN E 523 -16.58 -25.30 -11.72
N PRO E 524 -16.31 -25.66 -10.46
CA PRO E 524 -15.04 -25.21 -9.86
C PRO E 524 -13.83 -25.74 -10.58
N VAL E 525 -13.92 -26.95 -11.13
CA VAL E 525 -12.80 -27.51 -11.89
C VAL E 525 -12.52 -26.66 -13.12
N ILE E 526 -13.57 -26.33 -13.88
CA ILE E 526 -13.39 -25.53 -15.10
C ILE E 526 -12.85 -24.16 -14.77
N TYR E 527 -13.47 -23.48 -13.81
CA TYR E 527 -13.23 -22.06 -13.66
C TYR E 527 -12.17 -21.73 -12.61
N ALA E 528 -11.96 -22.61 -11.63
CA ALA E 528 -10.97 -22.36 -10.59
C ALA E 528 -9.83 -23.37 -10.64
N TYR E 529 -10.11 -24.66 -10.52
CA TYR E 529 -9.03 -25.64 -10.43
C TYR E 529 -8.28 -25.81 -11.75
N PHE E 530 -8.77 -25.24 -12.84
CA PHE E 530 -8.01 -25.15 -14.07
C PHE E 530 -7.28 -23.83 -14.21
N ASN E 531 -7.74 -22.79 -13.54
CA ASN E 531 -7.07 -21.50 -13.58
C ASN E 531 -5.71 -21.61 -12.92
N LYS E 532 -4.69 -21.07 -13.58
CA LYS E 532 -3.33 -21.14 -13.04
C LYS E 532 -3.19 -20.30 -11.79
N ASP E 533 -3.86 -19.14 -11.73
CA ASP E 533 -3.81 -18.31 -10.55
C ASP E 533 -4.38 -19.03 -9.34
N PHE E 534 -5.51 -19.72 -9.53
CA PHE E 534 -6.09 -20.50 -8.44
C PHE E 534 -5.16 -21.61 -7.99
N GLN E 535 -4.51 -22.29 -8.95
CA GLN E 535 -3.58 -23.34 -8.57
C GLN E 535 -2.44 -22.79 -7.74
N ASN E 536 -1.88 -21.65 -8.15
CA ASN E 536 -0.81 -21.03 -7.38
C ASN E 536 -1.29 -20.63 -5.99
N ALA E 537 -2.53 -20.15 -5.89
CA ALA E 537 -3.06 -19.73 -4.60
C ALA E 537 -3.34 -20.92 -3.69
N PHE E 538 -3.82 -22.03 -4.25
CA PHE E 538 -3.95 -23.25 -3.47
C PHE E 538 -2.59 -23.74 -3.00
N LYS E 539 -1.56 -23.58 -3.84
CA LYS E 539 -0.21 -23.89 -3.42
C LYS E 539 0.23 -22.99 -2.27
N LYS E 540 -0.12 -21.70 -2.33
CA LYS E 540 0.24 -20.77 -1.27
C LYS E 540 -0.46 -21.12 0.03
N ILE E 541 -1.73 -21.52 -0.04
CA ILE E 541 -2.45 -21.97 1.14
C ILE E 541 -1.87 -23.28 1.64
C1 A1ESA F . -34.13 -38.38 -9.66
C10 A1ESA F . -33.74 -31.60 -10.57
C11 A1ESA F . -35.17 -29.79 -11.21
C12 A1ESA F . -35.37 -28.30 -11.17
C13 A1ESA F . -32.93 -28.05 -11.44
C14 A1ESA F . -32.84 -29.56 -11.50
C15 A1ESA F . -34.47 -26.55 -12.66
C16 A1ESA F . -33.70 -24.64 -13.59
C17 A1ESA F . -34.89 -24.47 -14.26
C18 A1ESA F . -35.85 -25.42 -14.06
C19 A1ESA F . -35.04 -39.99 -7.99
C2 A1ESA F . -34.94 -38.52 -8.36
C3 A1ESA F . -34.26 -37.73 -7.25
C4 A1ESA F . -34.28 -36.25 -7.42
C5 A1ESA F . -36.34 -36.45 -8.78
C6 A1ESA F . -36.33 -37.92 -8.56
C7 A1ESA F . -35.41 -34.23 -8.27
C8 A1ESA F . -34.54 -33.71 -9.40
C9 A1ESA F . -34.68 -32.21 -9.53
N1 A1ESA F . -35.34 -35.69 -8.15
N2 A1ESA F . -33.87 -30.14 -10.66
N3 A1ESA F . -34.26 -27.61 -11.82
N4 A1ESA F . -33.46 -25.67 -12.78
N5 A1ESA F . -35.67 -26.48 -13.25
O1 A1ESA F . -33.42 -35.52 -6.96
O2 A1ESA F . -37.18 -35.89 -9.46
C1 CLR G . -11.20 -31.83 -26.13
C2 CLR G . -10.32 -30.95 -26.99
C3 CLR G . -11.05 -30.63 -28.28
C4 CLR G . -12.29 -29.81 -27.93
C5 CLR G . -13.15 -30.59 -27.00
C6 CLR G . -14.44 -30.66 -27.25
C7 CLR G . -15.36 -31.49 -26.47
C8 CLR G . -14.86 -31.56 -25.03
C9 CLR G . -13.41 -32.07 -24.98
C10 CLR G . -12.49 -31.09 -25.75
C11 CLR G . -12.93 -32.22 -23.53
C12 CLR G . -13.88 -33.03 -22.66
C13 CLR G . -15.30 -32.47 -22.76
C14 CLR G . -15.71 -32.54 -24.24
C15 CLR G . -17.20 -32.26 -24.17
C16 CLR G . -17.64 -33.06 -22.93
C17 CLR G . -16.38 -33.30 -22.08
C18 CLR G . -15.37 -31.04 -22.27
C19 CLR G . -12.16 -29.91 -24.87
C20 CLR G . -16.57 -32.87 -20.61
C21 CLR G . -15.75 -33.78 -19.69
C22 CLR G . -18.04 -32.90 -20.22
C23 CLR G . -18.15 -32.92 -18.71
C24 CLR G . -19.39 -33.69 -18.29
C25 CLR G . -18.98 -34.97 -17.57
C26 CLR G . -18.53 -36.02 -18.58
C27 CLR G . -20.14 -35.49 -16.74
O1 CLR G . -10.18 -29.88 -29.06
C1 CLR H . -28.79 -43.20 -11.20
C2 CLR H . -29.96 -43.92 -10.56
C3 CLR H . -29.43 -45.13 -9.82
C4 CLR H . -28.56 -44.63 -8.68
C5 CLR H . -27.44 -43.82 -9.22
C6 CLR H . -26.24 -44.01 -8.72
C7 CLR H . -25.02 -43.44 -9.33
C8 CLR H . -25.35 -42.08 -9.91
C9 CLR H . -26.55 -42.16 -10.86
C10 CLR H . -27.79 -42.69 -10.15
C11 CLR H . -26.83 -40.80 -11.46
C12 CLR H . -25.65 -40.23 -12.20
C13 CLR H . -24.44 -40.19 -11.26
C14 CLR H . -24.17 -41.60 -10.74
C15 CLR H . -22.83 -41.42 -10.02
C16 CLR H . -22.08 -40.45 -10.94
C17 CLR H . -23.11 -39.86 -11.94
C18 CLR H . -24.64 -39.23 -10.08
C19 CLR H . -28.43 -41.59 -9.31
C20 CLR H . -22.92 -38.36 -12.20
C21 CLR H . -23.36 -38.00 -13.61
C22 CLR H . -21.46 -37.93 -11.95
C23 CLR H . -20.74 -37.70 -13.28
C24 CLR H . -19.25 -37.77 -13.08
C25 CLR H . -18.77 -36.61 -12.22
C26 CLR H . -17.28 -36.77 -11.96
C27 CLR H . -19.05 -35.31 -12.92
O1 CLR H . -30.52 -45.83 -9.33
C1 T7M I . -6.11 -24.56 -19.37
O1 T7M I . -5.09 -25.54 -19.43
P1 T7M I . -4.98 -26.86 -18.41
C2 T7M I . -7.51 -25.18 -19.26
O2 T7M I . -7.67 -26.02 -20.36
C3 T7M I . -8.54 -24.04 -19.36
O3 T7M I . -9.80 -24.60 -19.16
C4 T7M I . -8.37 -22.96 -18.22
O4 T7M I . -9.18 -21.95 -18.48
P4 T7M I . -9.76 -20.84 -17.14
C5 T7M I . -6.88 -22.44 -18.31
O5 T7M I . -6.70 -21.60 -17.21
C6 T7M I . -5.84 -23.59 -18.21
O6 T7M I . -5.94 -24.28 -17.02
C7 T7M I . -6.94 -28.65 -18.43
C8 T7M I . -6.38 -30.06 -18.22
C9 T7M I . -6.09 -30.29 -16.74
C10 T7M I . -6.89 -32.32 -18.67
C11 T7M I . -4.36 -29.65 -15.29
O11 T7M I . -5.67 -26.56 -17.13
C12 T7M I . -7.70 -33.31 -17.85
O12 T7M I . -3.66 -27.54 -18.53
O13 T7M I . -6.05 -27.95 -19.20
O16 T7M I . -7.32 -31.04 -18.67
O17 T7M I . -5.89 -32.66 -19.31
O18 T7M I . -5.26 -29.27 -16.22
O19 T7M I . -4.39 -29.11 -14.17
C31 T7M I . -3.40 -30.72 -15.70
O41 T7M I . -8.58 -19.93 -16.97
O42 T7M I . -10.99 -20.29 -17.82
O43 T7M I . -10.03 -21.82 -16.02
#